data_8I5R
#
_entry.id   8I5R
#
_cell.length_a   177.738
_cell.length_b   54.246
_cell.length_c   83.244
_cell.angle_alpha   90.000
_cell.angle_beta   90.000
_cell.angle_gamma   90.000
#
_symmetry.space_group_name_H-M   'P 21 21 2'
#
loop_
_entity.id
_entity.type
_entity.pdbx_description
1 polymer beta-glucosidase
2 non-polymer GLYCEROL
3 non-polymer 'CALCIUM ION'
4 non-polymer 1,2-ETHANEDIOL
5 water water
#
_entity_poly.entity_id   1
_entity_poly.type   'polypeptide(L)'
_entity_poly.pdbx_seq_one_letter_code
;AMALTGCSEKININEDKISHKIDIPDSAWTIGIGEKFKNAGHPNVKYPMIDDSYVQGAPLGGFGAGTIGRTYNGGFSRWH
LEIGKNKYTTVYANQFSVFQKVEGNKDGVAQVLYAGEPENGYLSSWKWDYPKESGMYYALYPNSWYTYTNKDLPVQLAVK
QFSPIIPYNYKETSYPVAVFKWTAYNPTNKNVDVSIMFTWQNMIGFFGKQVNVNSGNFNKIIKDKSKDSEIVAAVMGNIS
NDNEEWNGEYSIGVKKVPGVDISYKAKFVTTGDGSDLWHEFSKNGILDNKDDETPTKQDGIGSAIAVNFKLQPGQTIEVP
FALSWDLPIMKFGGGDKWYKMYTKYFGKNGKNSFAILKEALNNYQKWEKMIDDWQKPILSNKSKPDWYKTALFNELYYLA
DGGTAWENGKVGEKDKRTNNMFGLLECFDYNYYETLDVRFYGSFPLVMLWPDIEKQVMRQFADTINVQDSSEFKVGSNGA
MAVKKVQGMIPHDLGSSYALPWIKINAYDWQNPNIWKDLNSKYVLLVYRDYVLTGKTDKEFLKYTWKSVKTALDKLKEMD
KDNDGIPDNEGIPDQTYNTWSMKGTSAYCGSLWLAALKAAQEIGKVLKDNEAYIKYNEWYKIAQQNFEKELWNGEYYNFD
TESDHKDSIMADQLAGQWYADILRLGDILPKDHVQKALKKIYEFNVMKFENGKMGAVNGMRPDGIVDESDIQAQEVWTGV
TYALASFMKYRGMTEEAYNTAYGVYKMTYDKSGKGYWFRTPEAWTKDGNYRASMYMRPLSIWSMEVNYNEVLEHHHHHH
;
_entity_poly.pdbx_strand_id   A
#
loop_
_chem_comp.id
_chem_comp.type
_chem_comp.name
_chem_comp.formula
CA non-polymer 'CALCIUM ION' 'Ca 2'
EDO non-polymer 1,2-ETHANEDIOL 'C2 H6 O2'
GOL non-polymer GLYCEROL 'C3 H8 O3'
#
# COMPACT_ATOMS: atom_id res chain seq x y z
N ASP A 16 -18.02 -24.24 12.68
CA ASP A 16 -17.79 -22.76 12.87
C ASP A 16 -19.04 -22.09 13.49
N LYS A 17 -19.00 -21.89 14.80
CA LYS A 17 -20.02 -21.18 15.60
C LYS A 17 -19.59 -19.77 16.06
N ILE A 18 -18.34 -19.37 15.74
CA ILE A 18 -17.77 -18.10 16.22
C ILE A 18 -18.13 -16.97 15.28
N SER A 19 -18.20 -17.26 13.96
CA SER A 19 -18.54 -16.24 12.94
C SER A 19 -19.78 -15.43 13.28
N HIS A 20 -20.82 -16.11 13.76
CA HIS A 20 -22.07 -15.47 14.22
C HIS A 20 -21.84 -14.45 15.35
N LYS A 21 -20.82 -14.65 16.19
CA LYS A 21 -20.49 -13.73 17.30
C LYS A 21 -19.61 -12.52 16.92
N ILE A 22 -19.20 -12.42 15.65
CA ILE A 22 -18.37 -11.30 15.16
C ILE A 22 -19.00 -10.78 13.87
N ASP A 23 -18.53 -9.65 13.36
N ASP A 23 -18.46 -9.69 13.32
CA ASP A 23 -19.13 -9.13 12.13
CA ASP A 23 -19.09 -9.05 12.18
C ASP A 23 -18.05 -8.96 11.09
C ASP A 23 -18.13 -8.90 11.00
N ILE A 24 -17.91 -10.00 10.29
CA ILE A 24 -17.03 -9.95 9.12
C ILE A 24 -17.88 -9.66 7.88
N PRO A 25 -17.52 -8.63 7.12
CA PRO A 25 -18.26 -8.34 5.88
C PRO A 25 -18.13 -9.45 4.84
N ASP A 26 -19.20 -9.67 4.07
CA ASP A 26 -19.14 -10.71 3.05
C ASP A 26 -18.10 -10.47 2.00
N SER A 27 -17.72 -9.21 1.78
CA SER A 27 -16.72 -8.88 0.78
C SER A 27 -15.28 -9.06 1.27
N ALA A 28 -15.09 -9.49 2.52
CA ALA A 28 -13.71 -9.80 2.96
C ALA A 28 -13.10 -10.86 2.08
N TRP A 29 -11.84 -10.66 1.72
CA TRP A 29 -11.05 -11.72 1.11
C TRP A 29 -10.83 -12.82 2.14
N THR A 30 -10.96 -14.08 1.72
N THR A 30 -10.87 -14.08 1.71
CA THR A 30 -10.80 -15.22 2.65
CA THR A 30 -10.71 -15.14 2.67
C THR A 30 -9.81 -16.26 2.15
C THR A 30 -9.92 -16.34 2.17
N ILE A 31 -9.18 -16.95 3.09
CA ILE A 31 -8.34 -18.11 2.80
C ILE A 31 -8.28 -18.94 4.07
N GLY A 32 -8.09 -20.25 3.92
CA GLY A 32 -7.86 -21.11 5.06
C GLY A 32 -6.51 -20.87 5.72
N ILE A 33 -6.51 -20.84 7.06
CA ILE A 33 -5.24 -20.84 7.81
C ILE A 33 -4.51 -22.12 7.48
N GLY A 34 -3.28 -21.96 7.00
CA GLY A 34 -2.42 -23.08 6.62
C GLY A 34 -2.68 -23.57 5.19
N GLU A 35 -3.51 -22.88 4.42
CA GLU A 35 -3.80 -23.29 3.04
C GLU A 35 -2.55 -23.18 2.18
N LYS A 36 -2.35 -24.19 1.32
CA LYS A 36 -1.29 -24.15 0.34
C LYS A 36 -1.98 -23.67 -0.91
N PHE A 37 -1.28 -22.87 -1.68
CA PHE A 37 -1.79 -22.36 -2.93
C PHE A 37 -0.91 -22.95 -3.98
N LYS A 38 -1.50 -23.50 -5.04
CA LYS A 38 -0.76 -24.30 -6.02
C LYS A 38 -0.36 -23.51 -7.26
N ASN A 39 -1.12 -22.50 -7.60
CA ASN A 39 -0.90 -21.88 -8.89
C ASN A 39 -0.04 -20.61 -8.88
N ALA A 40 0.83 -20.40 -7.88
CA ALA A 40 1.37 -19.03 -7.69
C ALA A 40 2.29 -18.60 -8.81
N GLY A 41 2.22 -17.32 -9.15
CA GLY A 41 3.11 -16.76 -10.16
C GLY A 41 4.45 -16.35 -9.60
N HIS A 42 5.40 -16.15 -10.52
CA HIS A 42 6.74 -15.76 -10.16
C HIS A 42 7.19 -14.70 -11.13
N PRO A 43 8.32 -14.02 -10.84
CA PRO A 43 8.80 -12.98 -11.77
C PRO A 43 9.08 -13.50 -13.16
N ASN A 44 8.79 -12.69 -14.18
CA ASN A 44 8.95 -13.11 -15.58
C ASN A 44 10.11 -12.40 -16.29
N VAL A 45 10.98 -11.77 -15.50
CA VAL A 45 12.16 -11.08 -16.02
C VAL A 45 13.38 -11.94 -15.77
N LYS A 46 14.45 -11.68 -16.51
CA LYS A 46 15.70 -12.44 -16.32
C LYS A 46 16.49 -11.91 -15.12
N TYR A 47 16.42 -10.61 -14.84
CA TYR A 47 17.13 -9.98 -13.73
C TYR A 47 16.48 -10.31 -12.36
N PRO A 48 17.25 -10.29 -11.26
CA PRO A 48 16.68 -10.59 -9.93
C PRO A 48 15.50 -9.69 -9.54
N MET A 49 14.50 -10.28 -8.89
CA MET A 49 13.25 -9.56 -8.56
C MET A 49 12.65 -10.14 -7.30
N ILE A 50 12.06 -9.28 -6.46
CA ILE A 50 11.47 -9.74 -5.22
C ILE A 50 10.31 -10.75 -5.47
N ASP A 51 10.37 -11.87 -4.74
CA ASP A 51 9.26 -12.82 -4.74
C ASP A 51 9.18 -13.37 -3.33
N ASP A 52 8.29 -12.79 -2.52
CA ASP A 52 8.17 -13.21 -1.12
C ASP A 52 7.15 -14.33 -0.90
N SER A 53 6.64 -14.94 -1.95
N SER A 53 6.65 -14.87 -2.01
CA SER A 53 5.65 -16.01 -1.81
CA SER A 53 5.64 -15.91 -2.07
C SER A 53 4.28 -15.41 -1.63
C SER A 53 4.28 -15.38 -1.68
N TYR A 54 3.30 -16.30 -1.69
CA TYR A 54 1.90 -15.96 -1.45
C TYR A 54 1.49 -15.91 0.02
N VAL A 55 2.39 -16.22 0.97
CA VAL A 55 2.02 -16.19 2.39
C VAL A 55 2.16 -14.75 2.84
N GLN A 56 1.06 -14.03 2.71
CA GLN A 56 0.98 -12.59 2.98
C GLN A 56 -0.32 -12.30 3.72
N GLY A 57 -0.43 -11.08 4.18
CA GLY A 57 -1.67 -10.60 4.79
C GLY A 57 -1.75 -9.10 4.74
N ALA A 58 -2.88 -8.59 5.21
CA ALA A 58 -3.09 -7.14 5.33
C ALA A 58 -2.13 -6.56 6.37
N PRO A 59 -1.47 -5.44 6.06
CA PRO A 59 -0.52 -4.85 7.00
C PRO A 59 -1.11 -4.13 8.19
N LEU A 60 -0.30 -4.03 9.22
CA LEU A 60 -0.62 -3.23 10.40
C LEU A 60 0.33 -2.06 10.43
N GLY A 61 -0.14 -0.93 10.95
CA GLY A 61 0.66 0.28 11.12
C GLY A 61 0.16 1.43 10.25
N GLY A 62 0.37 2.63 10.73
CA GLY A 62 -0.09 3.81 10.07
C GLY A 62 0.83 4.34 8.98
N PHE A 63 0.39 5.40 8.33
CA PHE A 63 1.17 6.02 7.27
C PHE A 63 2.44 6.66 7.85
N GLY A 64 3.61 6.27 7.29
CA GLY A 64 4.89 6.79 7.74
C GLY A 64 5.38 6.18 9.03
N ALA A 65 4.68 5.18 9.57
CA ALA A 65 5.04 4.60 10.85
C ALA A 65 5.99 3.42 10.72
N GLY A 66 6.14 2.91 9.51
CA GLY A 66 6.71 1.57 9.31
C GLY A 66 5.56 0.60 9.49
N THR A 67 5.47 -0.44 8.68
CA THR A 67 4.36 -1.37 8.78
C THR A 67 4.89 -2.77 8.99
N ILE A 68 3.99 -3.61 9.50
CA ILE A 68 4.26 -5.00 9.84
C ILE A 68 3.19 -5.85 9.17
N GLY A 69 3.61 -6.74 8.27
CA GLY A 69 2.74 -7.68 7.61
C GLY A 69 2.62 -8.97 8.39
N ARG A 70 1.45 -9.20 8.99
CA ARG A 70 1.09 -10.46 9.60
C ARG A 70 0.31 -11.27 8.57
N THR A 71 0.77 -12.48 8.30
CA THR A 71 0.25 -13.24 7.18
C THR A 71 -0.98 -14.06 7.56
N TYR A 72 -1.65 -14.65 6.59
CA TYR A 72 -2.80 -15.46 6.88
C TYR A 72 -2.47 -16.73 7.66
N ASN A 73 -1.21 -17.13 7.71
CA ASN A 73 -0.81 -18.24 8.58
C ASN A 73 -0.55 -17.83 10.03
N GLY A 74 -0.58 -16.54 10.32
CA GLY A 74 -0.45 -16.02 11.69
C GLY A 74 0.88 -15.37 12.02
N GLY A 75 1.90 -15.55 11.16
CA GLY A 75 3.24 -15.05 11.44
C GLY A 75 3.41 -13.58 11.16
N PHE A 76 4.21 -12.92 11.99
CA PHE A 76 4.65 -11.57 11.70
C PHE A 76 5.90 -11.65 10.80
N SER A 77 5.68 -11.44 9.49
CA SER A 77 6.66 -11.87 8.47
C SER A 77 7.13 -10.81 7.49
N ARG A 78 6.32 -9.84 7.14
CA ARG A 78 6.75 -8.88 6.12
C ARG A 78 7.03 -7.52 6.79
N TRP A 79 8.31 -7.23 7.00
CA TRP A 79 8.73 -6.12 7.86
C TRP A 79 9.07 -4.94 7.01
N HIS A 80 8.30 -3.85 7.17
CA HIS A 80 8.56 -2.60 6.51
C HIS A 80 8.90 -1.53 7.53
N LEU A 81 9.51 -1.91 8.63
CA LEU A 81 9.78 -0.97 9.74
C LEU A 81 10.95 -0.06 9.41
N GLU A 82 11.89 -0.55 8.61
CA GLU A 82 12.95 0.26 8.04
C GLU A 82 12.39 0.91 6.79
N ILE A 83 12.12 2.21 6.86
CA ILE A 83 11.29 2.88 5.85
C ILE A 83 11.95 2.79 4.50
N GLY A 84 11.23 2.23 3.55
CA GLY A 84 11.73 2.06 2.18
C GLY A 84 12.29 0.68 1.87
N LYS A 85 12.38 -0.19 2.87
CA LYS A 85 12.92 -1.54 2.69
C LYS A 85 11.84 -2.59 2.98
N ASN A 86 11.94 -3.69 2.27
CA ASN A 86 11.07 -4.85 2.43
C ASN A 86 11.90 -6.01 2.93
N LYS A 87 11.62 -6.50 4.13
CA LYS A 87 12.35 -7.62 4.68
C LYS A 87 11.35 -8.70 5.04
N TYR A 88 11.43 -9.85 4.36
CA TYR A 88 10.48 -10.93 4.59
C TYR A 88 11.16 -12.01 5.38
N THR A 89 10.78 -12.11 6.64
CA THR A 89 11.34 -13.09 7.58
C THR A 89 10.38 -13.20 8.77
N THR A 90 9.98 -14.42 9.10
CA THR A 90 9.11 -14.63 10.24
C THR A 90 9.90 -14.55 11.54
N VAL A 91 9.47 -13.65 12.41
CA VAL A 91 10.05 -13.57 13.76
C VAL A 91 9.22 -14.50 14.62
N TYR A 92 9.76 -15.70 14.86
CA TYR A 92 8.92 -16.77 15.41
C TYR A 92 8.42 -16.53 16.82
N ALA A 93 9.11 -15.73 17.64
CA ALA A 93 8.65 -15.45 18.99
C ALA A 93 7.38 -14.59 19.02
N ASN A 94 7.07 -13.94 17.89
CA ASN A 94 5.92 -13.02 17.83
C ASN A 94 4.65 -13.80 17.49
N GLN A 95 3.80 -14.07 18.47
CA GLN A 95 2.64 -14.97 18.25
C GLN A 95 1.52 -14.70 19.22
N PHE A 96 0.34 -15.18 18.86
CA PHE A 96 -0.69 -15.46 19.83
C PHE A 96 -0.74 -16.97 20.02
N SER A 97 -0.94 -17.34 21.27
CA SER A 97 -1.06 -18.75 21.67
C SER A 97 -2.30 -18.91 22.53
N VAL A 98 -2.82 -20.13 22.55
CA VAL A 98 -4.02 -20.44 23.34
C VAL A 98 -3.82 -21.67 24.22
N PHE A 99 -4.40 -21.63 25.40
CA PHE A 99 -4.48 -22.78 26.33
C PHE A 99 -5.97 -22.99 26.62
N GLN A 100 -6.39 -24.26 26.58
CA GLN A 100 -7.77 -24.58 27.00
C GLN A 100 -7.79 -25.84 27.87
N LYS A 101 -8.60 -25.80 28.90
CA LYS A 101 -8.83 -27.00 29.74
C LYS A 101 -10.29 -27.15 30.08
N VAL A 102 -10.84 -28.32 29.76
CA VAL A 102 -12.25 -28.58 30.05
C VAL A 102 -12.39 -28.96 31.52
N GLU A 103 -13.33 -28.38 32.22
CA GLU A 103 -13.58 -28.75 33.62
C GLU A 103 -13.83 -30.26 33.70
N GLY A 104 -13.07 -30.92 34.57
CA GLY A 104 -13.17 -32.38 34.74
C GLY A 104 -12.00 -33.15 34.14
N ASN A 105 -11.20 -32.49 33.31
CA ASN A 105 -10.01 -33.11 32.73
C ASN A 105 -8.80 -32.82 33.59
N LYS A 106 -7.85 -33.75 33.57
CA LYS A 106 -6.60 -33.62 34.33
C LYS A 106 -5.67 -32.58 33.67
N ASP A 107 -5.58 -32.64 32.35
CA ASP A 107 -4.68 -31.76 31.56
C ASP A 107 -5.44 -30.86 30.59
N GLY A 108 -4.85 -29.70 30.29
CA GLY A 108 -5.31 -28.86 29.19
C GLY A 108 -4.40 -29.00 27.99
N VAL A 109 -4.67 -28.23 26.94
CA VAL A 109 -3.88 -28.24 25.72
C VAL A 109 -3.46 -26.80 25.46
N ALA A 110 -2.26 -26.64 24.91
CA ALA A 110 -1.75 -25.33 24.51
C ALA A 110 -1.30 -25.40 23.07
N GLN A 111 -1.43 -24.30 22.33
CA GLN A 111 -1.14 -24.30 20.89
C GLN A 111 -0.77 -22.90 20.46
N VAL A 112 0.35 -22.76 19.76
CA VAL A 112 0.67 -21.49 19.10
C VAL A 112 -0.24 -21.35 17.89
N LEU A 113 -0.79 -20.16 17.68
CA LEU A 113 -1.68 -19.94 16.54
C LEU A 113 -0.88 -19.52 15.32
N TYR A 114 -0.04 -20.42 14.85
CA TYR A 114 0.82 -20.24 13.71
C TYR A 114 0.85 -21.56 12.92
N ALA A 115 0.51 -21.49 11.62
CA ALA A 115 0.50 -22.69 10.75
C ALA A 115 1.89 -22.88 10.17
N GLY A 116 2.80 -23.25 11.04
CA GLY A 116 4.20 -23.48 10.67
C GLY A 116 5.01 -23.74 11.91
N GLU A 117 6.32 -23.80 11.73
CA GLU A 117 7.26 -23.98 12.82
C GLU A 117 8.58 -23.31 12.47
N PRO A 118 9.42 -23.05 13.48
CA PRO A 118 10.71 -22.46 13.21
C PRO A 118 11.62 -23.38 12.40
N GLU A 119 12.59 -22.80 11.71
CA GLU A 119 13.53 -23.59 10.88
C GLU A 119 14.55 -24.30 11.80
N ASN A 120 15.13 -23.55 12.74
CA ASN A 120 16.09 -24.10 13.70
C ASN A 120 15.40 -24.55 15.00
N GLY A 121 16.15 -24.64 16.10
CA GLY A 121 15.68 -25.22 17.35
C GLY A 121 15.29 -24.22 18.39
N TYR A 122 15.26 -22.94 17.97
CA TYR A 122 14.78 -21.95 18.88
C TYR A 122 13.28 -22.15 19.03
N LEU A 123 12.85 -22.04 20.26
CA LEU A 123 11.48 -22.18 20.65
C LEU A 123 10.93 -23.58 20.40
N SER A 124 11.80 -24.59 20.44
CA SER A 124 11.37 -25.95 20.16
C SER A 124 10.35 -26.50 21.17
N SER A 125 10.28 -25.92 22.38
CA SER A 125 9.33 -26.36 23.38
C SER A 125 7.88 -25.95 23.13
N TRP A 126 7.67 -24.95 22.28
CA TRP A 126 6.34 -24.44 22.00
C TRP A 126 5.59 -25.43 21.10
N LYS A 127 4.25 -25.38 21.13
CA LYS A 127 3.44 -26.26 20.28
C LYS A 127 3.13 -25.57 18.97
N TRP A 128 3.87 -25.96 17.93
CA TRP A 128 3.80 -25.34 16.63
C TRP A 128 2.76 -26.05 15.73
N ASP A 129 2.76 -25.67 14.45
CA ASP A 129 2.04 -26.37 13.38
C ASP A 129 0.55 -26.42 13.65
N TYR A 130 -0.02 -25.23 13.82
CA TYR A 130 -1.46 -25.10 13.92
C TYR A 130 -2.07 -25.89 12.74
N PRO A 131 -3.03 -26.80 13.01
CA PRO A 131 -3.46 -27.72 11.97
C PRO A 131 -4.28 -27.07 10.85
N LYS A 132 -4.22 -27.66 9.65
CA LYS A 132 -5.08 -27.27 8.52
C LYS A 132 -6.55 -27.50 8.81
N GLU A 133 -7.37 -26.85 7.97
N GLU A 133 -7.39 -26.86 7.98
CA GLU A 133 -8.84 -26.96 8.04
CA GLU A 133 -8.86 -26.98 8.05
C GLU A 133 -9.37 -26.72 9.44
C GLU A 133 -9.44 -26.64 9.41
N SER A 134 -8.78 -25.74 10.13
CA SER A 134 -9.09 -25.44 11.50
C SER A 134 -9.23 -23.95 11.76
N GLY A 135 -9.57 -23.20 10.72
CA GLY A 135 -9.71 -21.76 10.88
C GLY A 135 -9.51 -21.02 9.57
N MET A 136 -9.92 -19.76 9.55
CA MET A 136 -9.93 -18.94 8.35
C MET A 136 -9.33 -17.59 8.63
N TYR A 137 -8.73 -17.00 7.59
CA TYR A 137 -8.29 -15.61 7.62
C TYR A 137 -9.20 -14.84 6.72
N TYR A 138 -9.55 -13.63 7.15
CA TYR A 138 -10.38 -12.70 6.41
C TYR A 138 -9.73 -11.33 6.34
N ALA A 139 -9.85 -10.62 5.21
CA ALA A 139 -9.30 -9.27 5.15
C ALA A 139 -10.18 -8.31 4.40
N LEU A 140 -10.42 -7.16 5.00
CA LEU A 140 -11.04 -6.02 4.29
C LEU A 140 -10.39 -4.79 4.86
N TYR A 141 -9.26 -4.46 4.24
CA TYR A 141 -8.34 -3.44 4.75
C TYR A 141 -9.09 -2.16 5.18
N PRO A 142 -8.84 -1.59 6.36
CA PRO A 142 -7.70 -1.85 7.26
C PRO A 142 -7.93 -2.97 8.28
N ASN A 143 -9.07 -3.62 8.22
CA ASN A 143 -9.37 -4.74 9.12
C ASN A 143 -8.97 -6.09 8.56
N SER A 144 -8.54 -6.98 9.45
CA SER A 144 -8.43 -8.40 9.15
C SER A 144 -8.85 -9.21 10.35
N TRP A 145 -9.13 -10.48 10.09
CA TRP A 145 -9.68 -11.35 11.13
C TRP A 145 -9.09 -12.74 10.96
N TYR A 146 -9.00 -13.46 12.08
CA TYR A 146 -8.75 -14.88 12.08
C TYR A 146 -9.83 -15.53 12.91
N THR A 147 -10.30 -16.68 12.46
CA THR A 147 -11.17 -17.52 13.30
C THR A 147 -10.49 -18.84 13.53
N TYR A 148 -10.73 -19.44 14.69
CA TYR A 148 -10.06 -20.69 15.08
C TYR A 148 -11.16 -21.66 15.52
N THR A 149 -11.34 -22.67 14.69
CA THR A 149 -12.44 -23.64 14.80
C THR A 149 -11.78 -25.01 14.68
N ASN A 150 -11.37 -25.54 15.82
CA ASN A 150 -10.43 -26.64 15.91
C ASN A 150 -11.06 -27.71 16.78
N LYS A 151 -11.03 -28.97 16.33
CA LYS A 151 -11.68 -30.04 17.09
C LYS A 151 -11.11 -30.27 18.50
N ASP A 152 -9.85 -29.87 18.72
CA ASP A 152 -9.18 -29.94 20.03
C ASP A 152 -9.34 -28.69 20.92
N LEU A 153 -10.03 -27.66 20.43
CA LEU A 153 -10.23 -26.42 21.14
C LEU A 153 -11.74 -26.25 21.28
N PRO A 154 -12.31 -26.77 22.37
CA PRO A 154 -13.75 -26.63 22.55
C PRO A 154 -14.28 -25.22 22.51
N VAL A 155 -13.50 -24.24 22.98
CA VAL A 155 -13.91 -22.84 22.91
C VAL A 155 -13.40 -22.30 21.58
N GLN A 156 -14.29 -21.68 20.85
CA GLN A 156 -13.94 -21.12 19.54
C GLN A 156 -13.51 -19.68 19.76
N LEU A 157 -12.52 -19.25 18.97
CA LEU A 157 -11.93 -17.94 19.15
C LEU A 157 -11.87 -17.26 17.81
N ALA A 158 -11.89 -15.94 17.88
CA ALA A 158 -11.69 -15.07 16.72
C ALA A 158 -10.99 -13.84 17.16
N VAL A 159 -10.25 -13.23 16.23
CA VAL A 159 -9.65 -11.94 16.54
C VAL A 159 -9.91 -11.01 15.38
N LYS A 160 -10.15 -9.75 15.71
CA LYS A 160 -10.23 -8.68 14.71
C LYS A 160 -8.99 -7.82 14.93
N GLN A 161 -8.19 -7.61 13.87
CA GLN A 161 -6.97 -6.80 14.01
C GLN A 161 -6.99 -5.65 13.05
N PHE A 162 -6.53 -4.49 13.49
CA PHE A 162 -6.52 -3.34 12.63
C PHE A 162 -5.64 -2.24 13.18
N SER A 163 -5.29 -1.30 12.29
CA SER A 163 -4.77 0.01 12.67
C SER A 163 -5.78 1.09 12.26
N PRO A 164 -5.77 2.25 12.96
CA PRO A 164 -6.80 3.28 12.69
C PRO A 164 -6.48 4.12 11.46
N ILE A 165 -6.68 3.48 10.30
CA ILE A 165 -6.49 4.11 8.98
C ILE A 165 -7.82 4.72 8.60
N ILE A 166 -7.88 6.03 8.64
CA ILE A 166 -9.17 6.78 8.55
C ILE A 166 -9.06 7.98 7.60
N PRO A 167 -9.84 7.97 6.53
CA PRO A 167 -9.86 9.10 5.62
C PRO A 167 -10.16 10.40 6.31
N TYR A 168 -9.47 11.45 5.85
CA TYR A 168 -9.60 12.84 6.30
C TYR A 168 -9.08 13.00 7.75
N ASN A 169 -8.34 11.99 8.24
CA ASN A 169 -7.74 11.96 9.55
C ASN A 169 -6.25 11.78 9.31
N TYR A 170 -5.47 12.75 9.74
CA TYR A 170 -4.01 12.75 9.55
C TYR A 170 -3.28 12.47 10.85
N LYS A 171 -4.01 12.08 11.91
CA LYS A 171 -3.47 11.93 13.25
C LYS A 171 -3.37 10.46 13.56
N GLU A 172 -4.50 9.84 13.90
CA GLU A 172 -4.52 8.40 14.20
C GLU A 172 -4.02 7.56 13.01
N THR A 173 -4.25 8.06 11.80
CA THR A 173 -3.81 7.40 10.56
C THR A 173 -2.28 7.25 10.52
N SER A 174 -1.56 8.10 11.25
CA SER A 174 -0.09 8.03 11.34
C SER A 174 0.45 7.07 12.41
N TYR A 175 -0.40 6.49 13.26
CA TYR A 175 0.10 5.88 14.48
C TYR A 175 0.76 4.51 14.23
N PRO A 176 1.86 4.23 14.92
CA PRO A 176 2.53 2.92 14.87
C PRO A 176 1.90 2.00 15.88
N VAL A 177 0.69 1.56 15.57
CA VAL A 177 -0.09 0.79 16.56
C VAL A 177 -1.04 -0.17 15.85
N ALA A 178 -1.36 -1.24 16.54
CA ALA A 178 -2.31 -2.23 16.08
C ALA A 178 -3.09 -2.70 17.28
N VAL A 179 -4.37 -3.01 17.04
CA VAL A 179 -5.27 -3.57 18.07
C VAL A 179 -5.66 -4.98 17.63
N PHE A 180 -5.78 -5.89 18.59
CA PHE A 180 -6.17 -7.29 18.40
C PHE A 180 -7.35 -7.52 19.35
N LYS A 181 -8.56 -7.42 18.80
CA LYS A 181 -9.80 -7.54 19.59
C LYS A 181 -10.26 -8.99 19.52
N TRP A 182 -10.12 -9.72 20.62
CA TRP A 182 -10.40 -11.14 20.69
C TRP A 182 -11.85 -11.38 21.14
N THR A 183 -12.49 -12.38 20.53
CA THR A 183 -13.79 -12.85 20.97
C THR A 183 -13.67 -14.36 21.23
N ALA A 184 -14.19 -14.84 22.36
CA ALA A 184 -14.18 -16.25 22.69
C ALA A 184 -15.59 -16.69 23.04
N TYR A 185 -15.97 -17.85 22.54
CA TYR A 185 -17.35 -18.36 22.76
C TYR A 185 -17.31 -19.85 23.07
N ASN A 186 -18.12 -20.27 24.06
CA ASN A 186 -18.16 -21.68 24.45
C ASN A 186 -19.49 -22.32 23.97
N PRO A 187 -19.45 -23.06 22.84
CA PRO A 187 -20.67 -23.70 22.31
C PRO A 187 -20.97 -25.06 22.99
N THR A 188 -20.10 -25.51 23.91
CA THR A 188 -20.22 -26.84 24.54
C THR A 188 -21.04 -26.75 25.81
N ASN A 189 -21.27 -27.90 26.44
CA ASN A 189 -22.04 -27.97 27.68
C ASN A 189 -21.17 -28.19 28.91
N LYS A 190 -19.90 -27.78 28.85
CA LYS A 190 -18.98 -27.89 29.97
C LYS A 190 -18.24 -26.57 30.14
N ASN A 191 -17.88 -26.25 31.38
CA ASN A 191 -17.02 -25.09 31.65
C ASN A 191 -15.66 -25.33 31.07
N VAL A 192 -15.07 -24.29 30.48
CA VAL A 192 -13.75 -24.41 29.90
C VAL A 192 -12.88 -23.24 30.38
N ASP A 193 -11.70 -23.55 30.90
CA ASP A 193 -10.70 -22.53 31.23
C ASP A 193 -9.92 -22.19 29.98
N VAL A 194 -9.77 -20.89 29.71
CA VAL A 194 -9.14 -20.42 28.44
C VAL A 194 -8.08 -19.40 28.77
N SER A 195 -6.95 -19.49 28.09
CA SER A 195 -5.99 -18.39 28.14
C SER A 195 -5.57 -18.01 26.73
N ILE A 196 -5.33 -16.72 26.54
CA ILE A 196 -4.78 -16.17 25.31
C ILE A 196 -3.51 -15.43 25.70
N MET A 197 -2.41 -15.75 25.02
CA MET A 197 -1.10 -15.15 25.30
C MET A 197 -0.53 -14.51 24.04
N PHE A 198 -0.06 -13.28 24.21
CA PHE A 198 0.68 -12.53 23.19
C PHE A 198 2.15 -12.56 23.59
N THR A 199 3.00 -13.03 22.68
CA THR A 199 4.44 -12.99 22.88
C THR A 199 5.03 -12.09 21.81
N TRP A 200 6.09 -11.41 22.19
CA TRP A 200 6.81 -10.51 21.29
C TRP A 200 8.28 -10.46 21.64
N GLN A 201 9.12 -10.50 20.62
CA GLN A 201 10.56 -10.35 20.77
C GLN A 201 10.91 -8.87 20.90
N ASN A 202 11.86 -8.58 21.79
CA ASN A 202 12.43 -7.26 21.82
C ASN A 202 13.25 -7.08 20.58
N MET A 203 12.68 -6.38 19.59
CA MET A 203 13.28 -6.29 18.26
C MET A 203 14.22 -5.10 18.08
N ILE A 204 14.58 -4.43 19.15
CA ILE A 204 15.52 -3.32 19.00
C ILE A 204 16.84 -3.97 18.55
N GLY A 205 17.37 -3.43 17.45
CA GLY A 205 18.53 -4.01 16.74
C GLY A 205 18.22 -4.94 15.59
N PHE A 206 16.94 -5.23 15.35
CA PHE A 206 16.52 -6.01 14.18
C PHE A 206 17.04 -5.37 12.91
N PHE A 207 17.06 -4.03 12.87
CA PHE A 207 17.69 -3.30 11.78
C PHE A 207 18.39 -2.08 12.29
N GLY A 208 19.33 -1.56 11.49
CA GLY A 208 19.91 -0.27 11.72
C GLY A 208 21.07 -0.22 12.69
N LYS A 209 21.38 -1.35 13.31
CA LYS A 209 22.44 -1.43 14.29
C LYS A 209 23.57 -2.29 13.68
N GLN A 210 24.77 -1.72 13.59
CA GLN A 210 25.86 -2.36 12.82
C GLN A 210 26.60 -3.46 13.58
N VAL A 211 26.65 -3.36 14.92
CA VAL A 211 27.28 -4.36 15.79
C VAL A 211 26.40 -4.64 17.03
N ASN A 212 26.65 -5.75 17.72
CA ASN A 212 26.09 -5.99 19.07
C ASN A 212 24.54 -5.82 19.04
N VAL A 213 23.89 -6.57 18.17
CA VAL A 213 22.50 -6.29 17.82
C VAL A 213 21.47 -6.40 18.96
N ASN A 214 21.71 -7.24 19.97
CA ASN A 214 20.83 -7.34 21.13
C ASN A 214 21.35 -6.59 22.34
N SER A 215 22.60 -6.15 22.28
CA SER A 215 23.24 -5.63 23.48
C SER A 215 22.53 -4.46 24.11
N GLY A 216 22.21 -4.57 25.40
CA GLY A 216 21.53 -3.52 26.14
C GLY A 216 20.00 -3.57 26.05
N ASN A 217 19.45 -4.51 25.26
CA ASN A 217 18.00 -4.66 25.27
C ASN A 217 17.51 -5.08 26.65
N PHE A 218 16.39 -4.51 27.06
CA PHE A 218 15.76 -4.90 28.29
C PHE A 218 14.28 -4.67 28.23
N ASN A 219 13.57 -5.38 29.09
CA ASN A 219 12.12 -5.38 29.11
C ASN A 219 11.58 -4.94 30.48
N LYS A 220 10.54 -4.12 30.49
CA LYS A 220 9.89 -3.72 31.73
C LYS A 220 8.40 -3.87 31.62
N ILE A 221 7.74 -4.04 32.75
CA ILE A 221 6.31 -4.19 32.83
C ILE A 221 5.71 -2.92 33.43
N ILE A 222 4.65 -2.43 32.79
CA ILE A 222 3.90 -1.24 33.24
C ILE A 222 2.52 -1.75 33.65
N LYS A 223 2.07 -1.39 34.86
CA LYS A 223 0.69 -1.69 35.29
C LYS A 223 0.01 -0.35 35.52
N ASP A 224 -0.95 -0.02 34.67
CA ASP A 224 -1.64 1.25 34.75
C ASP A 224 -3.01 0.94 35.32
N LYS A 225 -3.20 1.29 36.59
CA LYS A 225 -4.45 1.01 37.31
C LYS A 225 -5.12 2.33 37.59
N SER A 226 -6.30 2.51 37.06
CA SER A 226 -7.19 3.59 37.45
C SER A 226 -8.58 2.97 37.53
N LYS A 227 -9.59 3.77 37.81
CA LYS A 227 -10.94 3.21 37.94
C LYS A 227 -11.42 2.71 36.57
N ASP A 228 -11.80 1.43 36.53
CA ASP A 228 -12.38 0.76 35.32
C ASP A 228 -11.45 0.74 34.11
N SER A 229 -10.17 0.92 34.39
CA SER A 229 -9.14 0.74 33.43
C SER A 229 -8.04 0.04 34.26
N GLU A 230 -7.69 -1.15 33.85
CA GLU A 230 -6.38 -1.66 34.22
C GLU A 230 -5.77 -2.08 32.89
N ILE A 231 -4.57 -1.58 32.63
CA ILE A 231 -3.76 -2.01 31.47
C ILE A 231 -2.50 -2.61 32.04
N VAL A 232 -2.08 -3.73 31.46
CA VAL A 232 -0.77 -4.31 31.76
C VAL A 232 -0.03 -4.41 30.42
N ALA A 233 1.19 -3.91 30.40
CA ALA A 233 1.98 -3.84 29.16
C ALA A 233 3.44 -4.14 29.43
N ALA A 234 4.10 -4.68 28.42
CA ALA A 234 5.55 -4.85 28.42
C ALA A 234 6.09 -3.80 27.50
N VAL A 235 7.17 -3.14 27.94
CA VAL A 235 7.91 -2.20 27.14
C VAL A 235 9.29 -2.78 26.91
N MET A 236 9.62 -3.00 25.65
CA MET A 236 10.85 -3.67 25.24
C MET A 236 11.70 -2.61 24.56
N GLY A 237 12.78 -2.21 25.24
CA GLY A 237 13.61 -1.11 24.82
C GLY A 237 15.07 -1.42 24.96
N ASN A 238 15.90 -0.39 25.06
CA ASN A 238 17.34 -0.55 25.21
C ASN A 238 17.79 0.48 26.27
N ILE A 239 18.85 0.14 26.99
CA ILE A 239 19.35 1.04 28.02
C ILE A 239 19.94 2.31 27.44
N SER A 240 20.30 2.30 26.17
CA SER A 240 20.82 3.53 25.54
C SER A 240 19.74 4.62 25.41
N ASN A 241 20.12 5.86 25.73
CA ASN A 241 19.25 7.04 25.47
C ASN A 241 19.60 7.75 24.16
N ASP A 242 20.44 7.12 23.33
CA ASP A 242 20.84 7.66 22.03
C ASP A 242 19.68 7.79 21.05
N ASN A 243 19.78 8.80 20.21
CA ASN A 243 18.74 9.11 19.25
C ASN A 243 19.23 8.67 17.89
N GLU A 244 18.93 7.42 17.56
CA GLU A 244 19.37 6.78 16.31
C GLU A 244 18.22 6.01 15.68
N GLU A 245 18.34 5.71 14.41
CA GLU A 245 17.30 4.96 13.67
C GLU A 245 16.95 3.64 14.33
N TRP A 246 17.95 2.96 14.91
CA TRP A 246 17.71 1.66 15.53
C TRP A 246 17.04 1.66 16.89
N ASN A 247 17.08 2.79 17.60
CA ASN A 247 16.67 2.82 19.00
C ASN A 247 15.23 3.31 19.15
N GLY A 248 14.58 2.79 20.18
CA GLY A 248 13.19 3.08 20.44
C GLY A 248 12.64 1.98 21.33
N GLU A 249 11.35 1.71 21.20
CA GLU A 249 10.68 0.73 22.04
C GLU A 249 9.59 0.06 21.27
N TYR A 250 9.36 -1.22 21.57
CA TYR A 250 8.10 -1.92 21.24
C TYR A 250 7.31 -2.13 22.54
N SER A 251 5.98 -2.14 22.42
CA SER A 251 5.15 -2.52 23.54
C SER A 251 4.01 -3.44 23.12
N ILE A 252 3.70 -4.42 23.99
CA ILE A 252 2.49 -5.21 23.85
C ILE A 252 1.73 -5.11 25.15
N GLY A 253 0.42 -5.24 25.09
CA GLY A 253 -0.33 -5.18 26.34
C GLY A 253 -1.77 -5.52 26.15
N VAL A 254 -2.52 -5.47 27.25
CA VAL A 254 -3.90 -5.91 27.28
C VAL A 254 -4.65 -5.02 28.27
N LYS A 255 -5.94 -4.87 28.04
CA LYS A 255 -6.80 -4.13 28.95
C LYS A 255 -7.67 -5.13 29.69
N LYS A 256 -7.73 -4.99 31.01
CA LYS A 256 -8.59 -5.85 31.80
C LYS A 256 -10.05 -5.63 31.45
N VAL A 257 -10.79 -6.74 31.41
CA VAL A 257 -12.23 -6.71 31.26
C VAL A 257 -12.81 -7.60 32.36
N PRO A 258 -14.10 -7.39 32.66
CA PRO A 258 -14.70 -8.24 33.68
C PRO A 258 -14.63 -9.72 33.33
N GLY A 259 -14.27 -10.54 34.31
CA GLY A 259 -14.18 -11.96 34.16
C GLY A 259 -12.83 -12.50 33.69
N VAL A 260 -11.86 -11.62 33.43
CA VAL A 260 -10.52 -12.09 33.02
C VAL A 260 -9.46 -11.65 34.00
N ASP A 261 -8.46 -12.50 34.20
CA ASP A 261 -7.28 -12.15 34.96
C ASP A 261 -6.12 -11.99 33.99
N ILE A 262 -5.15 -11.18 34.36
CA ILE A 262 -3.97 -10.92 33.52
C ILE A 262 -2.72 -11.52 34.18
N SER A 263 -1.86 -12.16 33.41
CA SER A 263 -0.56 -12.55 33.89
C SER A 263 0.48 -12.16 32.86
N TYR A 264 1.73 -12.16 33.27
CA TYR A 264 2.80 -11.74 32.39
C TYR A 264 4.12 -12.43 32.68
N LYS A 265 5.02 -12.35 31.72
CA LYS A 265 6.41 -12.67 31.95
C LYS A 265 7.24 -11.63 31.24
N ALA A 266 8.03 -10.89 32.00
CA ALA A 266 8.80 -9.82 31.43
C ALA A 266 9.92 -10.24 30.49
N LYS A 267 10.58 -11.36 30.77
CA LYS A 267 11.78 -11.75 30.06
C LYS A 267 11.87 -13.24 29.85
N PHE A 268 11.72 -13.66 28.60
CA PHE A 268 12.10 -15.00 28.19
C PHE A 268 13.12 -14.88 27.07
N VAL A 269 13.91 -15.95 26.90
CA VAL A 269 14.98 -15.94 25.95
C VAL A 269 14.47 -16.48 24.62
N THR A 270 14.50 -15.66 23.59
CA THR A 270 14.05 -16.05 22.25
C THR A 270 15.07 -16.92 21.50
N THR A 271 16.36 -16.76 21.84
CA THR A 271 17.45 -17.56 21.28
C THR A 271 17.72 -18.73 22.22
N GLY A 272 16.66 -19.43 22.61
CA GLY A 272 16.70 -20.61 23.47
C GLY A 272 15.51 -21.47 23.09
N ASP A 273 15.26 -22.53 23.87
CA ASP A 273 14.16 -23.42 23.53
C ASP A 273 12.77 -22.95 23.94
N GLY A 274 12.68 -21.80 24.63
CA GLY A 274 11.41 -21.25 24.99
C GLY A 274 10.69 -21.83 26.15
N SER A 275 11.29 -22.83 26.82
CA SER A 275 10.57 -23.54 27.86
C SER A 275 10.49 -22.75 29.13
N ASP A 276 11.34 -21.75 29.28
CA ASP A 276 11.22 -20.80 30.36
C ASP A 276 9.81 -20.18 30.43
N LEU A 277 9.24 -19.90 29.27
CA LEU A 277 7.88 -19.41 29.20
C LEU A 277 6.86 -20.55 29.09
N TRP A 278 7.12 -21.49 28.17
CA TRP A 278 6.09 -22.45 27.74
C TRP A 278 5.73 -23.45 28.84
N HIS A 279 6.67 -23.79 29.73
CA HIS A 279 6.31 -24.70 30.86
C HIS A 279 5.24 -24.10 31.78
N GLU A 280 5.19 -22.76 31.86
CA GLU A 280 4.20 -22.05 32.62
C GLU A 280 2.86 -22.03 31.88
N PHE A 281 2.89 -21.63 30.63
CA PHE A 281 1.68 -21.42 29.88
C PHE A 281 0.96 -22.75 29.63
N SER A 282 1.74 -23.80 29.35
CA SER A 282 1.14 -25.07 28.96
C SER A 282 0.54 -25.85 30.15
N LYS A 283 0.92 -25.48 31.38
CA LYS A 283 0.37 -26.14 32.57
C LYS A 283 -1.05 -25.67 32.86
N ASN A 284 -1.25 -24.37 32.99
CA ASN A 284 -2.57 -23.84 33.34
C ASN A 284 -2.91 -22.50 32.71
N GLY A 285 -2.13 -22.10 31.70
CA GLY A 285 -2.40 -20.83 30.99
C GLY A 285 -2.11 -19.59 31.80
N ILE A 286 -1.28 -19.72 32.85
CA ILE A 286 -1.02 -18.61 33.76
C ILE A 286 0.49 -18.45 33.87
N LEU A 287 0.97 -17.23 33.64
CA LEU A 287 2.39 -16.96 33.69
C LEU A 287 2.83 -16.56 35.09
N ASP A 288 4.15 -16.52 35.24
CA ASP A 288 4.80 -16.32 36.56
C ASP A 288 4.73 -14.91 37.17
N ASN A 289 4.35 -13.91 36.37
CA ASN A 289 4.36 -12.50 36.79
C ASN A 289 5.75 -12.06 37.27
N LYS A 290 6.78 -12.59 36.64
CA LYS A 290 8.15 -12.30 37.02
C LYS A 290 8.63 -11.07 36.24
N ASP A 291 8.89 -10.00 36.99
CA ASP A 291 9.59 -8.84 36.42
C ASP A 291 11.10 -9.08 36.45
N ASP A 292 11.81 -8.52 35.48
CA ASP A 292 13.25 -8.67 35.40
C ASP A 292 13.77 -7.71 34.34
N GLU A 293 14.34 -6.60 34.80
CA GLU A 293 14.87 -5.58 33.91
C GLU A 293 16.33 -5.76 33.53
N THR A 294 16.91 -6.94 33.77
CA THR A 294 18.30 -7.16 33.46
C THR A 294 18.52 -7.04 31.93
N PRO A 295 19.43 -6.18 31.47
CA PRO A 295 19.68 -6.08 30.07
C PRO A 295 20.39 -7.32 29.54
N THR A 296 20.10 -7.67 28.31
CA THR A 296 20.77 -8.79 27.67
C THR A 296 22.08 -8.33 27.04
N LYS A 297 22.94 -9.31 26.74
CA LYS A 297 24.19 -9.09 26.02
C LYS A 297 24.09 -9.66 24.59
N GLN A 298 24.22 -10.95 24.41
CA GLN A 298 24.10 -11.57 23.09
C GLN A 298 22.74 -12.24 22.84
N ASP A 299 22.11 -12.77 23.88
CA ASP A 299 20.83 -13.47 23.73
C ASP A 299 19.70 -12.54 23.31
N GLY A 300 18.83 -13.06 22.46
CA GLY A 300 17.57 -12.37 22.17
C GLY A 300 16.62 -12.58 23.31
N ILE A 301 15.80 -11.55 23.60
CA ILE A 301 14.83 -11.63 24.66
C ILE A 301 13.46 -11.16 24.17
N GLY A 302 12.44 -11.51 24.91
CA GLY A 302 11.05 -11.15 24.58
C GLY A 302 10.19 -11.12 25.83
N SER A 303 8.95 -10.67 25.67
CA SER A 303 7.99 -10.57 26.75
C SER A 303 6.70 -11.25 26.35
N ALA A 304 5.88 -11.53 27.37
CA ALA A 304 4.61 -12.23 27.22
C ALA A 304 3.57 -11.61 28.10
N ILE A 305 2.40 -11.42 27.54
CA ILE A 305 1.21 -10.92 28.23
C ILE A 305 0.08 -11.91 27.98
N ALA A 306 -0.56 -12.41 29.04
CA ALA A 306 -1.64 -13.37 28.90
C ALA A 306 -2.88 -12.98 29.66
N VAL A 307 -4.02 -13.49 29.19
CA VAL A 307 -5.27 -13.42 29.97
C VAL A 307 -5.78 -14.80 30.20
N ASN A 308 -6.41 -15.01 31.34
CA ASN A 308 -7.04 -16.28 31.62
C ASN A 308 -8.44 -16.02 32.14
N PHE A 309 -9.35 -16.89 31.72
CA PHE A 309 -10.74 -16.75 32.06
C PHE A 309 -11.47 -18.06 31.98
N LYS A 310 -12.61 -18.15 32.66
CA LYS A 310 -13.48 -19.34 32.59
C LYS A 310 -14.70 -19.01 31.75
N LEU A 311 -15.01 -19.83 30.75
CA LEU A 311 -16.26 -19.65 30.01
C LEU A 311 -17.24 -20.75 30.35
N GLN A 312 -18.40 -20.33 30.77
CA GLN A 312 -19.51 -21.26 31.01
C GLN A 312 -20.16 -21.60 29.66
N PRO A 313 -20.95 -22.68 29.61
CA PRO A 313 -21.68 -22.98 28.39
C PRO A 313 -22.46 -21.78 27.86
N GLY A 314 -22.32 -21.52 26.56
CA GLY A 314 -22.99 -20.40 25.91
C GLY A 314 -22.47 -19.00 26.20
N GLN A 315 -21.35 -18.88 26.91
CA GLN A 315 -20.82 -17.58 27.27
C GLN A 315 -19.87 -17.07 26.21
N THR A 316 -19.91 -15.75 26.01
CA THR A 316 -18.98 -14.99 25.13
C THR A 316 -18.24 -13.95 25.94
N ILE A 317 -16.95 -13.74 25.61
CA ILE A 317 -16.21 -12.66 26.21
C ILE A 317 -15.33 -12.02 25.14
N GLU A 318 -15.10 -10.72 25.31
CA GLU A 318 -14.26 -9.93 24.40
C GLU A 318 -13.09 -9.34 25.19
N VAL A 319 -11.87 -9.42 24.65
N VAL A 319 -11.88 -9.42 24.62
CA VAL A 319 -10.74 -8.83 25.34
CA VAL A 319 -10.66 -8.93 25.29
C VAL A 319 -9.74 -8.25 24.33
C VAL A 319 -9.80 -8.22 24.25
N PRO A 320 -9.35 -6.98 24.52
CA PRO A 320 -8.45 -6.31 23.57
C PRO A 320 -6.97 -6.32 24.01
N PHE A 321 -6.12 -6.72 23.07
CA PHE A 321 -4.69 -6.55 23.19
C PHE A 321 -4.26 -5.49 22.17
N ALA A 322 -3.03 -5.02 22.32
CA ALA A 322 -2.46 -4.05 21.40
C ALA A 322 -0.94 -4.25 21.28
N LEU A 323 -0.43 -3.70 20.20
CA LEU A 323 1.00 -3.64 19.90
C LEU A 323 1.33 -2.26 19.43
N SER A 324 2.40 -1.66 19.96
CA SER A 324 2.90 -0.38 19.47
C SER A 324 4.40 -0.42 19.24
N TRP A 325 4.88 0.46 18.40
CA TRP A 325 6.34 0.57 18.16
C TRP A 325 6.71 2.02 18.06
N ASP A 326 7.57 2.49 18.94
CA ASP A 326 8.06 3.86 18.88
C ASP A 326 9.49 3.80 18.41
N LEU A 327 9.66 3.96 17.09
CA LEU A 327 10.98 4.03 16.42
C LEU A 327 10.96 5.37 15.71
N PRO A 328 11.37 6.44 16.41
CA PRO A 328 10.99 7.79 15.91
C PRO A 328 11.75 8.26 14.70
N ILE A 329 12.93 7.69 14.43
CA ILE A 329 13.81 8.21 13.39
C ILE A 329 13.88 7.27 12.24
N MET A 330 13.70 7.79 11.03
CA MET A 330 13.97 7.06 9.81
C MET A 330 15.25 7.61 9.19
N LYS A 331 16.10 6.71 8.71
CA LYS A 331 17.35 7.07 8.05
C LYS A 331 17.34 6.51 6.65
N PHE A 332 17.76 7.33 5.69
CA PHE A 332 17.87 6.95 4.33
C PHE A 332 19.34 6.74 3.99
N GLY A 333 19.58 6.02 2.92
CA GLY A 333 20.93 5.56 2.59
C GLY A 333 21.93 6.65 2.30
N GLY A 334 21.45 7.81 1.85
CA GLY A 334 22.29 8.98 1.70
C GLY A 334 22.66 9.73 2.95
N GLY A 335 22.12 9.31 4.09
CA GLY A 335 22.54 9.78 5.38
C GLY A 335 21.55 10.61 6.14
N ASP A 336 20.50 11.10 5.47
CA ASP A 336 19.52 11.99 6.11
C ASP A 336 18.70 11.20 7.12
N LYS A 337 18.51 11.79 8.27
CA LYS A 337 17.66 11.26 9.32
C LYS A 337 16.50 12.22 9.56
N TRP A 338 15.29 11.65 9.63
CA TRP A 338 14.03 12.41 9.78
C TRP A 338 13.20 11.81 10.86
N TYR A 339 12.43 12.63 11.57
CA TYR A 339 11.43 12.10 12.47
C TYR A 339 10.20 11.69 11.70
N LYS A 340 9.57 10.62 12.17
CA LYS A 340 8.35 10.13 11.56
C LYS A 340 7.14 10.95 12.04
N MET A 341 6.09 10.98 11.22
CA MET A 341 4.93 11.86 11.46
C MET A 341 4.30 11.71 12.84
N TYR A 342 4.14 10.48 13.32
CA TYR A 342 3.46 10.27 14.59
C TYR A 342 4.13 10.96 15.78
N THR A 343 5.41 11.32 15.64
CA THR A 343 6.14 11.95 16.73
C THR A 343 5.53 13.31 17.06
N LYS A 344 4.77 13.87 16.13
CA LYS A 344 4.03 15.10 16.41
C LYS A 344 3.08 14.92 17.61
N TYR A 345 2.53 13.73 17.75
CA TYR A 345 1.48 13.42 18.71
C TYR A 345 1.99 12.77 20.01
N PHE A 346 3.16 12.13 19.96
CA PHE A 346 3.68 11.38 21.12
C PHE A 346 5.07 11.77 21.62
N GLY A 347 5.79 12.59 20.84
CA GLY A 347 7.15 12.95 21.11
C GLY A 347 8.16 12.24 20.24
N LYS A 348 9.39 12.69 20.38
CA LYS A 348 10.54 12.31 19.52
C LYS A 348 11.62 11.48 20.20
N ASN A 349 11.53 11.27 21.53
CA ASN A 349 12.63 10.65 22.26
C ASN A 349 12.69 9.13 22.23
N GLY A 350 11.72 8.51 21.56
CA GLY A 350 11.75 7.07 21.44
C GLY A 350 11.44 6.32 22.71
N LYS A 351 10.82 6.97 23.70
CA LYS A 351 10.49 6.31 24.96
C LYS A 351 8.98 6.39 25.27
N ASN A 352 8.18 6.29 24.23
CA ASN A 352 6.75 6.58 24.29
C ASN A 352 5.85 5.45 23.85
N SER A 353 6.38 4.23 23.73
CA SER A 353 5.54 3.14 23.26
C SER A 353 4.34 2.84 24.16
N PHE A 354 4.49 2.99 25.48
CA PHE A 354 3.36 2.73 26.36
C PHE A 354 2.21 3.75 26.12
N ALA A 355 2.58 5.02 25.97
CA ALA A 355 1.56 6.07 25.69
C ALA A 355 0.75 5.74 24.43
N ILE A 356 1.43 5.24 23.39
CA ILE A 356 0.77 4.88 22.15
C ILE A 356 -0.18 3.70 22.38
N LEU A 357 0.32 2.68 23.06
CA LEU A 357 -0.44 1.47 23.36
C LEU A 357 -1.69 1.83 24.18
N LYS A 358 -1.51 2.68 25.17
CA LYS A 358 -2.62 3.10 26.06
C LYS A 358 -3.70 3.83 25.29
N GLU A 359 -3.32 4.74 24.41
CA GLU A 359 -4.28 5.41 23.55
C GLU A 359 -5.11 4.40 22.75
N ALA A 360 -4.46 3.34 22.22
CA ALA A 360 -5.18 2.38 21.43
C ALA A 360 -6.11 1.56 22.30
N LEU A 361 -5.65 1.12 23.47
CA LEU A 361 -6.47 0.24 24.28
C LEU A 361 -7.67 1.00 24.84
N ASN A 362 -7.52 2.30 25.03
CA ASN A 362 -8.67 3.08 25.54
C ASN A 362 -9.61 3.64 24.48
N ASN A 363 -9.22 3.60 23.22
CA ASN A 363 -10.00 4.23 22.15
C ASN A 363 -10.34 3.35 20.97
N TYR A 364 -10.01 2.06 21.03
CA TYR A 364 -10.15 1.21 19.86
C TYR A 364 -11.62 1.09 19.41
N GLN A 365 -12.59 1.16 20.33
CA GLN A 365 -14.00 1.01 19.93
C GLN A 365 -14.42 2.20 19.07
N LYS A 366 -13.96 3.38 19.43
CA LYS A 366 -14.20 4.60 18.65
C LYS A 366 -13.57 4.46 17.25
N TRP A 367 -12.36 3.92 17.22
CA TRP A 367 -11.67 3.76 15.93
C TRP A 367 -12.39 2.76 15.02
N GLU A 368 -12.88 1.67 15.58
CA GLU A 368 -13.65 0.69 14.79
C GLU A 368 -14.85 1.35 14.16
N LYS A 369 -15.52 2.20 14.94
CA LYS A 369 -16.71 2.88 14.43
C LYS A 369 -16.35 3.88 13.32
N MET A 370 -15.20 4.57 13.47
CA MET A 370 -14.73 5.49 12.43
C MET A 370 -14.42 4.75 11.13
N ILE A 371 -13.85 3.56 11.25
CA ILE A 371 -13.60 2.74 10.07
C ILE A 371 -14.90 2.28 9.42
N ASP A 372 -15.84 1.80 10.24
CA ASP A 372 -17.13 1.36 9.73
C ASP A 372 -17.81 2.51 9.02
N ASP A 373 -17.75 3.70 9.60
CA ASP A 373 -18.41 4.88 9.05
C ASP A 373 -17.86 5.19 7.64
N TRP A 374 -16.56 5.03 7.41
CA TRP A 374 -16.05 5.31 6.07
CA TRP A 374 -16.01 5.30 6.07
C TRP A 374 -16.29 4.18 5.09
N GLN A 375 -16.30 2.93 5.55
CA GLN A 375 -16.52 1.79 4.65
C GLN A 375 -18.00 1.62 4.28
N LYS A 376 -18.88 2.09 5.15
CA LYS A 376 -20.33 1.83 4.98
C LYS A 376 -20.95 2.30 3.67
N PRO A 377 -20.60 3.51 3.19
CA PRO A 377 -21.23 3.96 1.92
C PRO A 377 -21.03 3.02 0.75
N ILE A 378 -19.85 2.40 0.66
CA ILE A 378 -19.55 1.47 -0.38
C ILE A 378 -20.14 0.11 -0.05
N LEU A 379 -19.92 -0.38 1.17
CA LEU A 379 -20.38 -1.71 1.53
C LEU A 379 -21.90 -1.84 1.46
N SER A 380 -22.59 -0.79 1.84
CA SER A 380 -24.06 -0.76 1.79
C SER A 380 -24.68 -0.61 0.40
N ASN A 381 -23.89 -0.34 -0.62
CA ASN A 381 -24.38 -0.15 -1.97
C ASN A 381 -24.56 -1.51 -2.62
N LYS A 382 -25.79 -2.01 -2.62
CA LYS A 382 -26.04 -3.36 -3.14
C LYS A 382 -26.04 -3.47 -4.66
N SER A 383 -25.84 -2.36 -5.38
CA SER A 383 -25.64 -2.43 -6.82
C SER A 383 -24.24 -2.87 -7.21
N LYS A 384 -23.31 -2.76 -6.27
CA LYS A 384 -21.93 -3.14 -6.56
C LYS A 384 -21.64 -4.56 -6.11
N PRO A 385 -20.96 -5.36 -6.95
CA PRO A 385 -20.66 -6.73 -6.57
C PRO A 385 -19.64 -6.79 -5.45
N ASP A 386 -19.73 -7.81 -4.62
CA ASP A 386 -18.78 -7.97 -3.53
C ASP A 386 -17.30 -8.04 -4.00
N TRP A 387 -17.03 -8.68 -5.13
CA TRP A 387 -15.62 -8.82 -5.58
C TRP A 387 -14.99 -7.46 -5.78
N TYR A 388 -15.80 -6.51 -6.25
CA TYR A 388 -15.29 -5.16 -6.52
C TYR A 388 -14.94 -4.46 -5.20
N LYS A 389 -15.75 -4.69 -4.17
CA LYS A 389 -15.50 -4.14 -2.84
C LYS A 389 -14.24 -4.77 -2.24
N THR A 390 -14.05 -6.07 -2.46
CA THR A 390 -12.85 -6.75 -2.03
C THR A 390 -11.58 -6.06 -2.53
N ALA A 391 -11.56 -5.83 -3.82
CA ALA A 391 -10.43 -5.15 -4.46
C ALA A 391 -10.31 -3.72 -4.02
N LEU A 392 -11.41 -2.98 -4.03
CA LEU A 392 -11.32 -1.57 -3.70
C LEU A 392 -10.68 -1.31 -2.33
N PHE A 393 -11.13 -2.02 -1.30
CA PHE A 393 -10.58 -1.81 0.00
C PHE A 393 -9.20 -2.45 0.15
N ASN A 394 -9.00 -3.67 -0.33
CA ASN A 394 -7.74 -4.33 -0.06
C ASN A 394 -6.59 -3.74 -0.87
N GLU A 395 -6.85 -3.11 -2.01
CA GLU A 395 -5.73 -2.45 -2.73
C GLU A 395 -5.15 -1.31 -1.90
N LEU A 396 -5.94 -0.71 -1.01
CA LEU A 396 -5.44 0.32 -0.15
C LEU A 396 -4.32 -0.08 0.83
N TYR A 397 -4.06 -1.37 0.97
CA TYR A 397 -2.94 -1.84 1.78
C TYR A 397 -1.65 -1.09 1.42
N TYR A 398 -1.53 -0.75 0.14
CA TYR A 398 -0.25 -0.20 -0.36
C TYR A 398 0.02 1.21 0.21
N LEU A 399 -1.01 1.97 0.60
CA LEU A 399 -0.78 3.30 1.14
C LEU A 399 0.06 3.25 2.37
N ALA A 400 -0.14 2.21 3.17
CA ALA A 400 0.67 1.99 4.36
C ALA A 400 1.91 1.16 4.02
N ASP A 401 1.76 0.13 3.20
CA ASP A 401 2.85 -0.82 2.96
C ASP A 401 3.86 -0.36 1.93
N GLY A 402 3.64 0.75 1.25
CA GLY A 402 4.54 1.15 0.16
C GLY A 402 5.75 1.98 0.58
N GLY A 403 6.40 1.63 1.67
CA GLY A 403 7.63 2.34 2.09
C GLY A 403 7.35 3.80 2.46
N THR A 404 6.12 4.03 2.92
CA THR A 404 5.61 5.38 3.11
C THR A 404 6.42 6.19 4.08
N ALA A 405 6.81 7.38 3.64
CA ALA A 405 7.66 8.27 4.41
C ALA A 405 6.91 9.55 4.66
N TRP A 406 6.84 9.96 5.92
CA TRP A 406 6.05 11.15 6.25
C TRP A 406 6.76 11.84 7.37
N GLU A 407 7.46 12.94 7.04
CA GLU A 407 8.44 13.49 8.00
C GLU A 407 7.90 14.61 8.89
N ASN A 408 8.36 14.60 10.15
CA ASN A 408 8.09 15.65 11.13
C ASN A 408 9.38 16.31 11.62
N GLY A 409 10.21 16.72 10.67
CA GLY A 409 11.45 17.42 10.92
C GLY A 409 12.68 16.60 10.65
N LYS A 410 13.75 17.24 10.17
CA LYS A 410 15.05 16.59 10.02
C LYS A 410 15.69 16.53 11.41
N VAL A 411 16.36 15.45 11.72
CA VAL A 411 17.04 15.31 12.99
C VAL A 411 18.10 16.44 13.07
N GLY A 412 18.08 17.21 14.15
CA GLY A 412 18.92 18.44 14.29
C GLY A 412 18.42 19.78 13.70
N GLU A 413 17.23 19.78 13.11
N GLU A 413 17.26 19.81 13.05
CA GLU A 413 16.62 20.94 12.43
CA GLU A 413 16.70 21.06 12.49
C GLU A 413 16.25 22.01 13.43
C GLU A 413 15.66 21.68 13.42
N LYS A 416 11.59 24.68 12.53
CA LYS A 416 10.39 23.89 12.29
C LYS A 416 9.55 24.47 11.14
N ARG A 417 9.16 23.62 10.19
CA ARG A 417 8.37 24.02 9.04
C ARG A 417 6.87 23.78 9.24
N THR A 418 6.06 24.39 8.37
CA THR A 418 4.61 24.24 8.40
C THR A 418 4.15 22.87 7.91
N ASN A 419 4.81 22.38 6.87
CA ASN A 419 4.34 21.19 6.16
C ASN A 419 5.20 19.99 6.48
N ASN A 420 4.63 18.83 6.22
CA ASN A 420 5.24 17.53 6.52
C ASN A 420 5.37 16.84 5.18
N MET A 421 6.59 16.68 4.68
CA MET A 421 6.77 16.10 3.37
C MET A 421 6.38 14.63 3.40
N PHE A 422 5.94 14.13 2.24
CA PHE A 422 5.38 12.77 2.11
C PHE A 422 5.88 12.11 0.84
N GLY A 423 6.04 10.79 0.91
CA GLY A 423 6.31 10.02 -0.26
C GLY A 423 5.88 8.56 -0.11
N LEU A 424 5.33 8.05 -1.18
CA LEU A 424 5.02 6.65 -1.37
C LEU A 424 5.91 6.11 -2.47
N LEU A 425 6.50 4.93 -2.25
CA LEU A 425 7.30 4.30 -3.27
C LEU A 425 6.52 3.80 -4.47
N GLU A 426 7.15 3.88 -5.61
CA GLU A 426 6.67 3.18 -6.79
C GLU A 426 6.50 1.70 -6.48
N CYS A 427 7.54 1.11 -5.93
CA CYS A 427 7.59 -0.30 -5.47
C CYS A 427 8.95 -0.51 -4.81
N PHE A 428 9.26 -1.72 -4.39
CA PHE A 428 10.53 -2.00 -3.73
C PHE A 428 11.61 -2.38 -4.73
N ASP A 429 11.26 -2.99 -5.85
CA ASP A 429 12.24 -3.34 -6.91
C ASP A 429 12.77 -2.10 -7.61
N TYR A 430 11.90 -1.11 -7.76
CA TYR A 430 12.22 0.17 -8.39
C TYR A 430 12.00 1.21 -7.31
N ASN A 431 13.01 1.41 -6.47
CA ASN A 431 12.85 2.08 -5.17
C ASN A 431 12.90 3.60 -5.34
N TYR A 432 11.86 4.15 -5.93
CA TYR A 432 11.76 5.58 -6.23
C TYR A 432 10.51 6.14 -5.59
N TYR A 433 10.65 7.28 -4.91
CA TYR A 433 9.49 7.94 -4.28
C TYR A 433 8.69 8.76 -5.27
N GLU A 434 7.37 8.54 -5.26
CA GLU A 434 6.42 9.35 -6.00
C GLU A 434 6.63 9.44 -7.49
N THR A 435 7.08 8.36 -8.11
CA THR A 435 7.25 8.34 -9.53
C THR A 435 6.04 8.95 -10.22
N LEU A 436 6.27 10.02 -10.98
CA LEU A 436 5.18 10.88 -11.42
C LEU A 436 4.25 10.14 -12.35
N ASP A 437 4.79 9.42 -13.32
CA ASP A 437 3.94 8.67 -14.23
C ASP A 437 3.08 7.69 -13.47
N VAL A 438 3.63 7.06 -12.46
CA VAL A 438 2.90 6.02 -11.76
C VAL A 438 1.81 6.65 -10.88
N ARG A 439 2.12 7.79 -10.26
CA ARG A 439 1.12 8.43 -9.35
C ARG A 439 -0.02 9.10 -10.15
N PHE A 440 0.20 9.41 -11.43
CA PHE A 440 -0.90 9.84 -12.32
C PHE A 440 -2.06 8.83 -12.30
N TYR A 441 -1.74 7.54 -12.19
CA TYR A 441 -2.73 6.48 -12.07
C TYR A 441 -3.00 6.19 -10.57
N GLY A 442 -1.93 6.09 -9.77
CA GLY A 442 -2.01 5.50 -8.43
C GLY A 442 -2.40 6.41 -7.28
N SER A 443 -2.53 7.70 -7.52
CA SER A 443 -2.73 8.65 -6.41
C SER A 443 -4.23 8.93 -6.11
N PHE A 444 -5.14 8.28 -6.80
CA PHE A 444 -6.59 8.47 -6.58
C PHE A 444 -7.03 8.35 -5.12
N PRO A 445 -6.56 7.31 -4.40
CA PRO A 445 -7.02 7.26 -3.00
C PRO A 445 -6.54 8.45 -2.20
N LEU A 446 -5.35 8.96 -2.49
CA LEU A 446 -4.89 10.14 -1.72
C LEU A 446 -5.76 11.38 -2.00
N VAL A 447 -6.02 11.70 -3.25
CA VAL A 447 -6.84 12.87 -3.53
C VAL A 447 -8.27 12.67 -3.00
N MET A 448 -8.78 11.44 -3.03
CA MET A 448 -10.17 11.17 -2.63
C MET A 448 -10.37 11.10 -1.12
N LEU A 449 -9.36 10.58 -0.41
CA LEU A 449 -9.47 10.24 1.02
C LEU A 449 -8.52 10.97 1.97
N TRP A 450 -7.36 11.42 1.47
CA TRP A 450 -6.37 12.18 2.25
C TRP A 450 -5.85 13.34 1.43
N PRO A 451 -6.76 14.21 0.96
CA PRO A 451 -6.36 15.28 0.05
C PRO A 451 -5.27 16.26 0.53
N ASP A 452 -5.14 16.49 1.84
CA ASP A 452 -4.03 17.35 2.33
C ASP A 452 -2.65 16.74 2.03
N ILE A 453 -2.56 15.41 2.07
CA ILE A 453 -1.33 14.73 1.65
C ILE A 453 -1.10 14.90 0.15
N GLU A 454 -2.13 14.63 -0.62
CA GLU A 454 -2.05 14.74 -2.08
C GLU A 454 -1.56 16.13 -2.49
N LYS A 455 -2.15 17.18 -1.90
CA LYS A 455 -1.74 18.54 -2.31
C LYS A 455 -0.32 18.85 -1.91
N GLN A 456 0.11 18.39 -0.74
CA GLN A 456 1.52 18.50 -0.33
C GLN A 456 2.47 17.84 -1.33
N VAL A 457 2.14 16.62 -1.79
CA VAL A 457 3.00 15.96 -2.77
C VAL A 457 3.08 16.78 -4.06
N MET A 458 1.95 17.31 -4.50
CA MET A 458 1.98 18.10 -5.71
C MET A 458 2.76 19.41 -5.56
N ARG A 459 2.70 20.05 -4.39
CA ARG A 459 3.54 21.23 -4.13
C ARG A 459 5.01 20.85 -4.15
N GLN A 460 5.34 19.67 -3.60
CA GLN A 460 6.71 19.16 -3.75
C GLN A 460 7.17 19.13 -5.21
N PHE A 461 6.33 18.59 -6.08
CA PHE A 461 6.64 18.58 -7.51
C PHE A 461 6.75 20.00 -8.09
N ALA A 462 5.82 20.87 -7.75
CA ALA A 462 5.87 22.26 -8.27
C ALA A 462 7.22 22.92 -7.97
N ASP A 463 7.72 22.67 -6.76
CA ASP A 463 8.99 23.24 -6.28
C ASP A 463 10.21 22.79 -7.09
N THR A 464 10.12 21.65 -7.74
CA THR A 464 11.20 21.07 -8.52
C THR A 464 11.27 21.55 -9.96
N ILE A 465 10.23 22.25 -10.46
CA ILE A 465 10.11 22.45 -11.90
C ILE A 465 11.36 23.13 -12.49
N ASN A 466 11.83 24.17 -11.83
CA ASN A 466 12.95 24.93 -12.36
C ASN A 466 14.29 24.57 -11.76
N VAL A 467 14.37 23.47 -11.01
CA VAL A 467 15.66 22.95 -10.58
C VAL A 467 16.44 22.50 -11.80
N GLN A 468 17.73 22.85 -11.83
CA GLN A 468 18.65 22.43 -12.89
C GLN A 468 19.82 21.76 -12.17
N ASP A 469 20.19 20.59 -12.65
CA ASP A 469 21.39 19.90 -12.22
C ASP A 469 22.10 19.46 -13.49
N SER A 470 23.16 20.19 -13.81
CA SER A 470 23.90 19.98 -15.06
C SER A 470 24.88 18.80 -15.04
N SER A 471 25.13 18.22 -13.86
CA SER A 471 26.01 17.06 -13.78
C SER A 471 25.40 15.90 -14.52
N GLU A 472 26.23 15.13 -15.19
CA GLU A 472 25.76 14.03 -16.03
C GLU A 472 25.79 12.67 -15.31
N PHE A 473 24.91 11.78 -15.75
CA PHE A 473 24.83 10.41 -15.23
C PHE A 473 24.82 9.46 -16.41
N LYS A 474 25.28 8.23 -16.18
CA LYS A 474 25.28 7.20 -17.21
C LYS A 474 23.90 6.54 -17.26
N VAL A 475 23.28 6.60 -18.43
CA VAL A 475 21.95 6.06 -18.63
C VAL A 475 22.09 4.56 -18.68
N GLY A 476 21.30 3.87 -17.87
CA GLY A 476 21.39 2.40 -17.76
C GLY A 476 21.13 1.64 -19.05
N SER A 477 20.14 2.05 -19.82
CA SER A 477 19.67 1.26 -20.96
C SER A 477 20.66 1.19 -22.13
N ASN A 478 21.34 2.30 -22.40
CA ASN A 478 22.29 2.39 -23.53
C ASN A 478 23.72 2.86 -23.20
N GLY A 479 23.96 3.29 -21.97
CA GLY A 479 25.28 3.73 -21.55
C GLY A 479 25.65 5.15 -21.94
N ALA A 480 24.71 5.91 -22.51
CA ALA A 480 24.95 7.32 -22.83
C ALA A 480 25.02 8.15 -21.56
N MET A 481 25.67 9.31 -21.64
CA MET A 481 25.63 10.29 -20.57
C MET A 481 24.46 11.23 -20.82
N ALA A 482 23.79 11.63 -19.75
CA ALA A 482 22.68 12.55 -19.82
C ALA A 482 22.70 13.46 -18.63
N VAL A 483 22.16 14.66 -18.80
CA VAL A 483 21.99 15.63 -17.73
C VAL A 483 20.97 15.13 -16.69
N LYS A 484 21.28 15.32 -15.41
CA LYS A 484 20.46 14.85 -14.30
C LYS A 484 19.05 15.46 -14.29
N LYS A 485 18.99 16.79 -14.29
CA LYS A 485 17.70 17.51 -14.19
C LYS A 485 17.72 18.76 -15.05
N VAL A 486 16.78 18.86 -15.98
CA VAL A 486 16.69 20.02 -16.89
C VAL A 486 15.65 21.01 -16.36
N GLN A 487 15.96 22.31 -16.42
CA GLN A 487 15.01 23.36 -16.01
C GLN A 487 13.73 23.26 -16.84
N GLY A 488 12.58 23.26 -16.16
CA GLY A 488 11.27 23.20 -16.84
C GLY A 488 10.74 21.82 -17.16
N MET A 489 11.50 20.77 -16.85
CA MET A 489 11.04 19.40 -17.04
C MET A 489 10.72 18.86 -15.64
N ILE A 490 9.54 18.26 -15.52
CA ILE A 490 9.14 17.71 -14.24
C ILE A 490 10.02 16.47 -14.00
N PRO A 491 10.38 16.23 -12.72
CA PRO A 491 11.21 15.07 -12.45
C PRO A 491 10.44 13.78 -12.53
N HIS A 492 11.16 12.71 -12.86
CA HIS A 492 10.64 11.35 -12.86
C HIS A 492 10.17 10.89 -11.48
N ASP A 493 10.92 11.29 -10.46
CA ASP A 493 10.69 10.84 -9.08
C ASP A 493 11.30 11.83 -8.10
N LEU A 494 11.00 11.65 -6.82
CA LEU A 494 11.49 12.51 -5.75
C LEU A 494 12.57 11.85 -4.91
N GLY A 495 13.31 10.93 -5.51
CA GLY A 495 14.46 10.30 -4.86
C GLY A 495 14.20 8.84 -4.52
N SER A 496 15.19 8.27 -3.86
CA SER A 496 15.17 6.88 -3.48
C SER A 496 15.46 6.71 -2.00
N SER A 497 14.89 5.69 -1.35
CA SER A 497 15.22 5.44 0.07
C SER A 497 16.68 5.05 0.28
N TYR A 498 17.35 4.60 -0.79
CA TYR A 498 18.79 4.27 -0.74
C TYR A 498 19.67 5.53 -0.79
N ALA A 499 19.06 6.67 -1.10
CA ALA A 499 19.76 7.94 -1.27
C ALA A 499 19.10 9.04 -0.42
N LEU A 500 18.53 10.10 -1.00
CA LEU A 500 18.00 11.21 -0.23
C LEU A 500 16.63 11.62 -0.75
N PRO A 501 15.60 10.92 -0.29
CA PRO A 501 14.23 11.33 -0.60
C PRO A 501 14.01 12.84 -0.37
N TRP A 502 13.29 13.45 -1.31
CA TRP A 502 12.89 14.85 -1.31
C TRP A 502 14.02 15.81 -1.68
N ILE A 503 15.23 15.47 -1.31
CA ILE A 503 16.42 16.35 -1.47
C ILE A 503 17.11 16.12 -2.80
N LYS A 504 17.34 14.86 -3.15
CA LYS A 504 17.95 14.50 -4.41
C LYS A 504 16.92 13.79 -5.28
N ILE A 505 16.33 14.56 -6.17
CA ILE A 505 15.32 14.05 -7.11
C ILE A 505 15.92 13.32 -8.32
N ASN A 506 15.08 12.68 -9.11
CA ASN A 506 15.52 11.89 -10.27
C ASN A 506 16.59 10.84 -9.95
N ALA A 507 16.31 10.06 -8.92
CA ALA A 507 17.15 8.89 -8.65
C ALA A 507 17.14 7.86 -9.77
N TYR A 508 16.05 7.74 -10.50
CA TYR A 508 15.94 6.82 -11.61
C TYR A 508 17.01 7.10 -12.67
N ASP A 509 17.63 6.04 -13.15
CA ASP A 509 18.66 6.20 -14.20
C ASP A 509 18.61 5.28 -15.39
N TRP A 510 17.58 4.43 -15.51
CA TRP A 510 17.51 3.49 -16.61
C TRP A 510 17.34 4.21 -17.95
N GLN A 511 16.60 5.30 -17.91
CA GLN A 511 16.40 6.19 -19.05
C GLN A 511 16.59 7.63 -18.59
N ASN A 512 16.61 8.56 -19.54
CA ASN A 512 16.66 9.99 -19.27
C ASN A 512 15.26 10.62 -19.31
N PRO A 513 14.66 10.93 -18.13
CA PRO A 513 13.30 11.48 -18.11
C PRO A 513 13.18 12.95 -18.53
N ASN A 514 14.32 13.64 -18.70
CA ASN A 514 14.28 15.04 -19.13
C ASN A 514 13.82 15.23 -20.56
N ILE A 515 13.77 14.16 -21.35
CA ILE A 515 13.25 14.23 -22.71
C ILE A 515 11.88 13.56 -22.83
N TRP A 516 11.26 13.17 -21.70
CA TRP A 516 9.97 12.50 -21.81
C TRP A 516 8.88 13.49 -22.23
N LYS A 517 7.95 12.99 -23.04
CA LYS A 517 6.91 13.81 -23.65
C LYS A 517 5.58 13.71 -22.91
N ASP A 518 5.53 12.89 -21.86
CA ASP A 518 4.27 12.64 -21.11
C ASP A 518 4.27 13.25 -19.72
N LEU A 519 5.43 13.35 -19.06
CA LEU A 519 5.45 13.70 -17.65
C LEU A 519 4.95 15.12 -17.40
N ASN A 520 5.35 16.06 -18.23
CA ASN A 520 4.91 17.43 -18.01
C ASN A 520 3.40 17.59 -18.13
N SER A 521 2.80 16.89 -19.09
CA SER A 521 1.33 16.89 -19.25
CA SER A 521 1.34 16.92 -19.25
C SER A 521 0.65 16.20 -18.07
N LYS A 522 1.19 15.05 -17.66
CA LYS A 522 0.60 14.32 -16.49
C LYS A 522 0.61 15.21 -15.24
N TYR A 523 1.72 15.94 -15.07
CA TYR A 523 1.85 16.86 -13.96
C TYR A 523 0.71 17.90 -13.95
N VAL A 524 0.52 18.54 -15.09
CA VAL A 524 -0.54 19.53 -15.20
C VAL A 524 -1.92 18.93 -14.92
N LEU A 525 -2.17 17.77 -15.47
CA LEU A 525 -3.45 17.04 -15.25
C LEU A 525 -3.68 16.68 -13.77
N LEU A 526 -2.62 16.25 -13.08
CA LEU A 526 -2.67 16.02 -11.65
C LEU A 526 -3.03 17.28 -10.85
N VAL A 527 -2.44 18.42 -11.20
CA VAL A 527 -2.76 19.67 -10.56
C VAL A 527 -4.26 19.99 -10.69
N TYR A 528 -4.77 19.96 -11.92
CA TYR A 528 -6.16 20.35 -12.11
C TYR A 528 -7.08 19.29 -11.48
N ARG A 529 -6.73 18.01 -11.62
CA ARG A 529 -7.46 16.97 -10.91
C ARG A 529 -7.63 17.28 -9.42
N ASP A 530 -6.55 17.73 -8.78
CA ASP A 530 -6.54 17.91 -7.34
C ASP A 530 -7.42 19.08 -6.93
N TYR A 531 -7.53 20.06 -7.83
CA TYR A 531 -8.50 21.15 -7.63
C TYR A 531 -9.94 20.66 -7.83
N VAL A 532 -10.18 19.93 -8.90
CA VAL A 532 -11.55 19.49 -9.20
C VAL A 532 -12.09 18.51 -8.17
N LEU A 533 -11.30 17.50 -7.84
CA LEU A 533 -11.76 16.49 -6.90
C LEU A 533 -11.80 16.88 -5.44
N THR A 534 -11.37 18.09 -5.10
CA THR A 534 -11.55 18.62 -3.75
C THR A 534 -12.55 19.81 -3.73
N GLY A 535 -13.36 19.90 -4.78
CA GLY A 535 -14.53 20.78 -4.80
C GLY A 535 -14.43 22.03 -5.63
N LYS A 536 -13.38 22.18 -6.43
CA LYS A 536 -13.13 23.43 -7.19
C LYS A 536 -13.16 24.69 -6.33
N THR A 537 -12.62 24.61 -5.11
CA THR A 537 -12.55 25.74 -4.19
C THR A 537 -11.13 26.18 -3.84
N ASP A 538 -10.12 25.32 -4.06
CA ASP A 538 -8.77 25.63 -3.60
C ASP A 538 -7.98 26.48 -4.58
N LYS A 539 -8.37 27.75 -4.68
N LYS A 539 -8.37 27.76 -4.68
CA LYS A 539 -7.66 28.69 -5.55
CA LYS A 539 -7.67 28.69 -5.55
C LYS A 539 -6.21 28.91 -5.13
C LYS A 539 -6.21 28.91 -5.13
N GLU A 540 -5.94 28.89 -3.83
CA GLU A 540 -4.56 29.03 -3.34
C GLU A 540 -3.63 27.90 -3.87
N PHE A 541 -4.16 26.66 -3.99
CA PHE A 541 -3.37 25.55 -4.58
C PHE A 541 -3.09 25.81 -6.06
N LEU A 542 -4.08 26.28 -6.83
CA LEU A 542 -3.84 26.63 -8.22
C LEU A 542 -2.83 27.80 -8.32
N LYS A 543 -2.96 28.79 -7.44
CA LYS A 543 -2.00 29.91 -7.42
C LYS A 543 -0.56 29.42 -7.15
N TYR A 544 -0.39 28.50 -6.21
CA TYR A 544 0.93 27.99 -5.85
C TYR A 544 1.61 27.27 -7.02
N THR A 545 0.83 26.51 -7.77
CA THR A 545 1.33 25.66 -8.84
C THR A 545 1.28 26.29 -10.25
N TRP A 546 0.67 27.46 -10.39
CA TRP A 546 0.42 28.01 -11.75
C TRP A 546 1.67 28.27 -12.59
N LYS A 547 2.66 28.91 -12.01
CA LYS A 547 3.93 29.10 -12.73
C LYS A 547 4.56 27.82 -13.24
N SER A 548 4.53 26.76 -12.41
CA SER A 548 5.06 25.50 -12.85
C SER A 548 4.24 24.88 -13.98
N VAL A 549 2.93 25.06 -13.94
CA VAL A 549 2.04 24.54 -14.98
C VAL A 549 2.37 25.19 -16.32
N LYS A 550 2.47 26.52 -16.32
CA LYS A 550 2.79 27.24 -17.55
C LYS A 550 4.17 26.86 -18.07
N THR A 551 5.15 26.80 -17.17
CA THR A 551 6.48 26.36 -17.54
C THR A 551 6.47 24.96 -18.16
N ALA A 552 5.79 24.03 -17.50
CA ALA A 552 5.76 22.67 -18.02
C ALA A 552 5.21 22.58 -19.45
N LEU A 553 4.13 23.28 -19.73
CA LEU A 553 3.49 23.18 -21.06
C LEU A 553 4.34 23.89 -22.10
N ASP A 554 4.91 25.02 -21.69
CA ASP A 554 5.77 25.81 -22.60
C ASP A 554 7.01 25.04 -23.03
N LYS A 555 7.64 24.32 -22.09
CA LYS A 555 8.78 23.45 -22.47
C LYS A 555 8.39 22.31 -23.38
N LEU A 556 7.22 21.71 -23.15
CA LEU A 556 6.75 20.65 -24.01
C LEU A 556 6.49 21.15 -25.44
N LYS A 557 5.96 22.36 -25.56
CA LYS A 557 5.63 22.93 -26.90
C LYS A 557 6.90 23.03 -27.77
N GLU A 558 8.03 23.32 -27.15
CA GLU A 558 9.33 23.36 -27.87
C GLU A 558 9.73 22.03 -28.51
N MET A 559 9.14 20.91 -28.08
CA MET A 559 9.46 19.61 -28.64
C MET A 559 8.59 19.24 -29.84
N ASP A 560 7.74 20.17 -30.29
CA ASP A 560 7.01 20.01 -31.55
C ASP A 560 7.94 20.35 -32.74
N LYS A 561 8.48 19.33 -33.39
CA LYS A 561 9.47 19.47 -34.49
C LYS A 561 8.84 19.86 -35.82
N ASP A 562 7.71 19.26 -36.16
CA ASP A 562 7.08 19.44 -37.47
C ASP A 562 5.93 20.48 -37.50
N ASN A 563 5.82 21.26 -36.43
CA ASN A 563 4.82 22.31 -36.31
C ASN A 563 3.31 21.94 -36.46
N ASP A 564 2.94 20.71 -36.10
CA ASP A 564 1.51 20.32 -36.05
C ASP A 564 0.84 20.64 -34.70
N GLY A 565 1.57 21.29 -33.80
CA GLY A 565 1.05 21.77 -32.53
C GLY A 565 1.17 20.78 -31.38
N ILE A 566 1.85 19.67 -31.63
CA ILE A 566 1.88 18.51 -30.71
C ILE A 566 3.35 18.15 -30.53
N PRO A 567 3.82 17.95 -29.29
CA PRO A 567 5.18 17.41 -29.14
C PRO A 567 5.41 16.12 -29.90
N ASP A 568 6.60 15.98 -30.50
CA ASP A 568 6.91 14.79 -31.27
C ASP A 568 7.60 13.75 -30.43
N ASN A 569 7.08 12.53 -30.44
CA ASN A 569 7.85 11.40 -29.90
C ASN A 569 8.96 11.09 -30.89
N GLU A 570 10.09 10.69 -30.36
CA GLU A 570 11.36 10.61 -31.14
C GLU A 570 11.80 9.23 -31.58
N GLY A 571 11.03 8.18 -31.27
CA GLY A 571 11.41 6.82 -31.64
C GLY A 571 12.56 6.25 -30.80
N ILE A 572 12.84 6.92 -29.69
CA ILE A 572 13.77 6.43 -28.67
C ILE A 572 12.96 6.54 -27.38
N PRO A 573 13.45 5.96 -26.28
CA PRO A 573 12.75 6.06 -25.00
C PRO A 573 12.40 7.50 -24.61
N ASP A 574 11.12 7.85 -24.63
CA ASP A 574 10.72 9.20 -24.27
C ASP A 574 9.30 9.35 -23.72
N GLN A 575 8.85 8.31 -23.04
CA GLN A 575 7.59 8.35 -22.29
C GLN A 575 7.52 7.07 -21.45
N THR A 576 6.47 6.90 -20.65
CA THR A 576 6.50 5.81 -19.67
C THR A 576 6.59 4.41 -20.24
N TYR A 577 6.03 4.17 -21.44
CA TYR A 577 6.19 2.88 -22.12
C TYR A 577 7.50 2.96 -22.92
N ASN A 578 8.58 3.10 -22.18
CA ASN A 578 9.83 3.59 -22.77
C ASN A 578 10.53 2.61 -23.73
N THR A 579 10.34 1.32 -23.58
CA THR A 579 10.87 0.37 -24.58
C THR A 579 9.88 0.10 -25.70
N TRP A 580 8.62 0.50 -25.53
CA TRP A 580 7.62 0.38 -26.59
C TRP A 580 7.63 1.73 -27.30
N SER A 581 8.47 1.84 -28.32
CA SER A 581 8.83 3.15 -28.87
C SER A 581 7.64 3.85 -29.51
N MET A 582 7.53 5.13 -29.22
CA MET A 582 6.60 6.01 -29.92
C MET A 582 7.39 6.99 -30.80
N LYS A 583 6.85 7.26 -31.98
CA LYS A 583 7.50 8.16 -32.91
C LYS A 583 6.45 8.96 -33.65
N GLY A 584 6.69 10.27 -33.73
CA GLY A 584 5.75 11.21 -34.32
C GLY A 584 4.72 11.68 -33.31
N THR A 585 3.48 11.76 -33.74
CA THR A 585 2.38 12.06 -32.84
C THR A 585 1.85 10.72 -32.35
N SER A 586 1.75 10.58 -31.04
CA SER A 586 1.22 9.34 -30.48
C SER A 586 -0.14 9.61 -29.86
N ALA A 587 -0.96 8.57 -29.83
CA ALA A 587 -2.28 8.67 -29.22
C ALA A 587 -2.12 8.99 -27.72
N TYR A 588 -1.18 8.32 -27.08
CA TYR A 588 -0.96 8.48 -25.64
C TYR A 588 -0.46 9.84 -25.24
N CYS A 589 0.72 10.23 -25.72
CA CYS A 589 1.25 11.54 -25.35
C CYS A 589 0.43 12.69 -25.92
N GLY A 590 -0.12 12.49 -27.13
CA GLY A 590 -0.88 13.51 -27.80
C GLY A 590 -2.17 13.79 -27.06
N SER A 591 -2.88 12.73 -26.64
CA SER A 591 -4.13 12.92 -25.90
C SER A 591 -3.89 13.56 -24.54
N LEU A 592 -2.81 13.16 -23.87
CA LEU A 592 -2.45 13.80 -22.61
C LEU A 592 -2.14 15.28 -22.78
N TRP A 593 -1.42 15.61 -23.84
CA TRP A 593 -1.17 17.00 -24.23
C TRP A 593 -2.46 17.82 -24.43
N LEU A 594 -3.40 17.28 -25.19
CA LEU A 594 -4.66 17.99 -25.45
C LEU A 594 -5.39 18.26 -24.15
N ALA A 595 -5.46 17.24 -23.27
CA ALA A 595 -6.13 17.41 -22.01
C ALA A 595 -5.44 18.40 -21.10
N ALA A 596 -4.10 18.38 -21.07
CA ALA A 596 -3.34 19.30 -20.25
C ALA A 596 -3.55 20.75 -20.73
N LEU A 597 -3.64 20.94 -22.05
CA LEU A 597 -3.90 22.26 -22.60
C LEU A 597 -5.27 22.75 -22.16
N LYS A 598 -6.25 21.88 -22.22
CA LYS A 598 -7.60 22.25 -21.80
C LYS A 598 -7.68 22.56 -20.29
N ALA A 599 -7.00 21.75 -19.47
CA ALA A 599 -6.88 22.05 -18.05
C ALA A 599 -6.23 23.42 -17.77
N ALA A 600 -5.15 23.73 -18.46
CA ALA A 600 -4.44 24.99 -18.25
C ALA A 600 -5.30 26.17 -18.70
N GLN A 601 -6.05 26.03 -19.80
CA GLN A 601 -7.07 27.03 -20.13
C GLN A 601 -8.01 27.31 -18.99
N GLU A 602 -8.53 26.25 -18.39
CA GLU A 602 -9.47 26.41 -17.31
C GLU A 602 -8.84 27.03 -16.09
N ILE A 603 -7.61 26.66 -15.74
CA ILE A 603 -6.94 27.33 -14.64
C ILE A 603 -6.74 28.84 -14.92
N GLY A 604 -6.35 29.13 -16.15
CA GLY A 604 -6.21 30.50 -16.66
C GLY A 604 -7.47 31.32 -16.41
N LYS A 605 -8.62 30.74 -16.70
CA LYS A 605 -9.91 31.42 -16.45
C LYS A 605 -10.10 31.60 -14.96
N VAL A 606 -9.84 30.55 -14.17
CA VAL A 606 -10.04 30.68 -12.71
C VAL A 606 -9.15 31.79 -12.13
N LEU A 607 -7.89 31.86 -12.55
CA LEU A 607 -6.94 32.81 -12.00
C LEU A 607 -6.91 34.15 -12.74
N LYS A 608 -7.75 34.29 -13.76
CA LYS A 608 -7.86 35.52 -14.57
C LYS A 608 -6.52 35.88 -15.26
N ASP A 609 -5.87 34.87 -15.83
CA ASP A 609 -4.66 35.03 -16.59
C ASP A 609 -5.08 34.92 -18.05
N ASN A 610 -5.54 36.06 -18.58
CA ASN A 610 -6.10 36.08 -19.93
C ASN A 610 -5.13 35.63 -21.00
N GLU A 611 -3.90 36.10 -20.94
CA GLU A 611 -2.93 35.78 -21.94
C GLU A 611 -2.63 34.28 -21.96
N ALA A 612 -2.61 33.65 -20.80
CA ALA A 612 -2.46 32.20 -20.74
C ALA A 612 -3.64 31.46 -21.33
N TYR A 613 -4.84 31.87 -20.94
CA TYR A 613 -6.07 31.33 -21.53
C TYR A 613 -6.02 31.39 -23.07
N ILE A 614 -5.71 32.56 -23.64
CA ILE A 614 -5.71 32.69 -25.10
C ILE A 614 -4.65 31.84 -25.75
N LYS A 615 -3.45 31.81 -25.17
CA LYS A 615 -2.38 31.02 -25.72
C LYS A 615 -2.69 29.53 -25.75
N TYR A 616 -3.08 28.99 -24.58
CA TYR A 616 -3.35 27.58 -24.48
C TYR A 616 -4.62 27.18 -25.23
N ASN A 617 -5.57 28.11 -25.38
CA ASN A 617 -6.72 27.85 -26.24
C ASN A 617 -6.31 27.71 -27.72
N GLU A 618 -5.45 28.61 -28.18
CA GLU A 618 -4.91 28.56 -29.57
C GLU A 618 -4.14 27.28 -29.81
N TRP A 619 -3.23 26.93 -28.88
CA TRP A 619 -2.48 25.68 -29.03
C TRP A 619 -3.43 24.49 -29.06
N TYR A 620 -4.44 24.53 -28.21
CA TYR A 620 -5.41 23.43 -28.10
C TYR A 620 -6.17 23.21 -29.42
N LYS A 621 -6.69 24.30 -29.98
CA LYS A 621 -7.48 24.19 -31.22
C LYS A 621 -6.70 23.57 -32.38
N ILE A 622 -5.44 24.01 -32.57
CA ILE A 622 -4.57 23.49 -33.61
C ILE A 622 -4.22 22.02 -33.35
N ALA A 623 -3.80 21.74 -32.12
CA ALA A 623 -3.42 20.38 -31.76
C ALA A 623 -4.55 19.35 -31.89
N GLN A 624 -5.76 19.75 -31.47
CA GLN A 624 -6.93 18.88 -31.49
C GLN A 624 -7.27 18.51 -32.93
N GLN A 625 -7.29 19.52 -33.80
CA GLN A 625 -7.54 19.31 -35.24
C GLN A 625 -6.57 18.31 -35.81
N ASN A 626 -5.30 18.57 -35.58
CA ASN A 626 -4.25 17.73 -36.12
C ASN A 626 -4.22 16.33 -35.53
N PHE A 627 -4.44 16.21 -34.21
CA PHE A 627 -4.52 14.90 -33.56
C PHE A 627 -5.57 14.03 -34.25
N GLU A 628 -6.76 14.59 -34.44
CA GLU A 628 -7.87 13.88 -35.07
C GLU A 628 -7.48 13.45 -36.51
N LYS A 629 -6.95 14.36 -37.32
CA LYS A 629 -6.59 14.00 -38.71
C LYS A 629 -5.50 12.96 -38.77
N GLU A 630 -4.48 13.10 -37.94
CA GLU A 630 -3.34 12.21 -38.02
C GLU A 630 -3.62 10.78 -37.52
N LEU A 631 -4.51 10.63 -36.54
CA LEU A 631 -4.61 9.36 -35.82
C LEU A 631 -5.93 8.62 -35.93
N TRP A 632 -7.04 9.33 -36.17
CA TRP A 632 -8.34 8.65 -36.27
C TRP A 632 -8.42 7.79 -37.53
N ASN A 633 -8.60 6.48 -37.36
CA ASN A 633 -8.61 5.55 -38.51
C ASN A 633 -10.00 5.00 -38.87
N GLY A 634 -11.05 5.52 -38.24
CA GLY A 634 -12.43 5.03 -38.45
C GLY A 634 -12.98 4.07 -37.41
N GLU A 635 -12.08 3.35 -36.73
CA GLU A 635 -12.42 2.41 -35.65
C GLU A 635 -11.78 2.76 -34.28
N TYR A 636 -10.55 3.27 -34.30
CA TYR A 636 -9.81 3.61 -33.09
C TYR A 636 -8.78 4.65 -33.45
N TYR A 637 -8.01 5.12 -32.47
CA TYR A 637 -6.90 6.05 -32.72
C TYR A 637 -5.62 5.25 -32.86
N ASN A 638 -4.91 5.44 -33.96
CA ASN A 638 -3.65 4.76 -34.17
C ASN A 638 -2.64 5.00 -33.04
N PHE A 639 -1.81 4.02 -32.78
CA PHE A 639 -0.77 4.11 -31.75
C PHE A 639 0.10 5.34 -31.95
N ASP A 640 0.57 5.55 -33.17
CA ASP A 640 1.30 6.77 -33.49
C ASP A 640 1.33 7.00 -35.00
N THR A 641 2.08 8.00 -35.44
CA THR A 641 2.15 8.34 -36.88
C THR A 641 3.34 7.74 -37.60
N GLU A 642 4.39 7.32 -36.88
CA GLU A 642 5.68 7.00 -37.54
C GLU A 642 6.34 5.65 -37.20
N SER A 643 5.86 4.92 -36.20
CA SER A 643 6.45 3.63 -35.84
C SER A 643 6.09 2.55 -36.85
N ASP A 644 6.80 1.43 -36.78
CA ASP A 644 6.48 0.25 -37.59
C ASP A 644 5.17 -0.40 -37.13
N HIS A 645 4.84 -0.20 -35.86
CA HIS A 645 3.65 -0.75 -35.19
C HIS A 645 2.57 0.34 -35.04
N LYS A 646 2.49 1.28 -35.97
CA LYS A 646 1.69 2.48 -35.79
C LYS A 646 0.17 2.20 -35.68
N ASP A 647 -0.28 1.09 -36.25
CA ASP A 647 -1.70 0.74 -36.23
C ASP A 647 -2.06 -0.19 -35.08
N SER A 648 -1.15 -0.36 -34.13
CA SER A 648 -1.49 -1.14 -32.93
C SER A 648 -2.60 -0.47 -32.16
N ILE A 649 -3.45 -1.30 -31.56
CA ILE A 649 -4.53 -0.83 -30.70
C ILE A 649 -3.92 -0.80 -29.31
N MET A 650 -3.74 0.40 -28.79
CA MET A 650 -3.19 0.61 -27.44
C MET A 650 -4.30 0.74 -26.40
N ALA A 651 -4.17 0.01 -25.29
CA ALA A 651 -5.20 0.07 -24.25
C ALA A 651 -5.33 1.48 -23.68
N ASP A 652 -4.20 2.18 -23.59
CA ASP A 652 -4.13 3.51 -22.99
C ASP A 652 -4.16 4.66 -24.03
N GLN A 653 -4.57 4.35 -25.27
CA GLN A 653 -4.56 5.34 -26.35
C GLN A 653 -5.24 6.66 -26.04
N LEU A 654 -6.31 6.65 -25.26
CA LEU A 654 -7.00 7.89 -24.91
C LEU A 654 -6.92 8.29 -23.44
N ALA A 655 -5.75 8.11 -22.85
CA ALA A 655 -5.53 8.48 -21.45
C ALA A 655 -5.85 9.92 -21.14
N GLY A 656 -5.60 10.82 -22.11
CA GLY A 656 -5.93 12.20 -21.92
C GLY A 656 -7.44 12.42 -21.81
N GLN A 657 -8.19 11.71 -22.63
CA GLN A 657 -9.66 11.81 -22.53
C GLN A 657 -10.21 11.21 -21.23
N TRP A 658 -9.63 10.10 -20.77
CA TRP A 658 -9.96 9.56 -19.43
C TRP A 658 -9.86 10.65 -18.37
N TYR A 659 -8.70 11.30 -18.27
CA TYR A 659 -8.54 12.33 -17.28
C TYR A 659 -9.45 13.54 -17.54
N ALA A 660 -9.65 13.89 -18.81
CA ALA A 660 -10.60 14.97 -19.12
C ALA A 660 -12.01 14.69 -18.56
N ASP A 661 -12.45 13.44 -18.63
CA ASP A 661 -13.76 13.06 -18.00
C ASP A 661 -13.78 13.34 -16.49
N ILE A 662 -12.72 12.91 -15.81
CA ILE A 662 -12.58 13.12 -14.35
C ILE A 662 -12.54 14.59 -13.99
N LEU A 663 -11.87 15.38 -14.82
CA LEU A 663 -11.64 16.81 -14.55
C LEU A 663 -12.83 17.65 -15.06
N ARG A 664 -13.82 17.00 -15.67
CA ARG A 664 -15.01 17.64 -16.24
C ARG A 664 -14.65 18.71 -17.28
N LEU A 665 -13.72 18.34 -18.17
CA LEU A 665 -13.22 19.23 -19.23
C LEU A 665 -13.94 19.00 -20.54
N GLY A 666 -14.87 18.06 -20.57
CA GLY A 666 -15.67 17.80 -21.76
C GLY A 666 -14.97 16.94 -22.78
N ASP A 667 -15.40 17.12 -24.02
CA ASP A 667 -14.95 16.30 -25.11
C ASP A 667 -13.67 16.93 -25.63
N ILE A 668 -12.56 16.20 -25.56
CA ILE A 668 -11.37 16.60 -26.30
C ILE A 668 -11.35 15.90 -27.66
N LEU A 669 -12.07 14.78 -27.76
CA LEU A 669 -12.26 14.04 -28.97
C LEU A 669 -13.76 13.77 -29.11
N PRO A 670 -14.22 13.51 -30.37
CA PRO A 670 -15.66 13.29 -30.51
C PRO A 670 -16.18 12.07 -29.77
N LYS A 671 -17.32 12.23 -29.11
CA LYS A 671 -17.95 11.17 -28.32
C LYS A 671 -18.07 9.86 -29.06
N ASP A 672 -18.54 9.93 -30.30
CA ASP A 672 -18.73 8.74 -31.11
C ASP A 672 -17.40 7.99 -31.35
N HIS A 673 -16.33 8.72 -31.63
CA HIS A 673 -15.01 8.13 -31.85
C HIS A 673 -14.43 7.54 -30.55
N VAL A 674 -14.63 8.23 -29.44
CA VAL A 674 -14.18 7.67 -28.11
C VAL A 674 -14.90 6.35 -27.81
N GLN A 675 -16.23 6.33 -28.04
CA GLN A 675 -17.01 5.11 -27.83
C GLN A 675 -16.53 3.95 -28.70
N LYS A 676 -16.29 4.22 -29.98
CA LYS A 676 -15.75 3.21 -30.89
C LYS A 676 -14.40 2.72 -30.43
N ALA A 677 -13.56 3.65 -29.98
CA ALA A 677 -12.21 3.28 -29.54
C ALA A 677 -12.25 2.36 -28.32
N LEU A 678 -13.06 2.72 -27.33
CA LEU A 678 -13.21 1.91 -26.12
C LEU A 678 -13.82 0.54 -26.40
N LYS A 679 -14.80 0.49 -27.28
CA LYS A 679 -15.35 -0.79 -27.72
C LYS A 679 -14.33 -1.69 -28.40
N LYS A 680 -13.47 -1.10 -29.24
CA LYS A 680 -12.40 -1.83 -29.91
C LYS A 680 -11.42 -2.39 -28.89
N ILE A 681 -11.07 -1.57 -27.91
CA ILE A 681 -10.14 -2.00 -26.85
C ILE A 681 -10.70 -3.18 -26.05
N TYR A 682 -11.97 -3.09 -25.69
CA TYR A 682 -12.63 -4.24 -25.02
C TYR A 682 -12.66 -5.50 -25.90
N GLU A 683 -13.06 -5.30 -27.15
CA GLU A 683 -13.15 -6.40 -28.11
C GLU A 683 -11.81 -7.10 -28.34
N PHE A 684 -10.70 -6.34 -28.35
CA PHE A 684 -9.40 -6.84 -28.73
C PHE A 684 -8.51 -7.02 -27.51
N ASN A 685 -8.06 -5.93 -26.91
CA ASN A 685 -7.08 -5.97 -25.81
C ASN A 685 -7.57 -6.74 -24.58
N VAL A 686 -8.89 -6.73 -24.34
CA VAL A 686 -9.45 -7.54 -23.26
C VAL A 686 -9.88 -8.90 -23.80
N MET A 687 -10.88 -8.93 -24.68
CA MET A 687 -11.56 -10.19 -25.00
C MET A 687 -10.76 -11.14 -25.86
N LYS A 688 -9.79 -10.65 -26.63
CA LYS A 688 -8.89 -11.57 -27.37
C LYS A 688 -7.61 -11.89 -26.63
N PHE A 689 -7.50 -11.47 -25.36
CA PHE A 689 -6.36 -11.78 -24.51
C PHE A 689 -6.85 -12.72 -23.41
N GLU A 690 -6.53 -14.01 -23.55
CA GLU A 690 -6.90 -15.02 -22.54
C GLU A 690 -8.39 -14.93 -22.15
N ASN A 691 -9.24 -14.80 -23.17
CA ASN A 691 -10.70 -14.79 -23.00
C ASN A 691 -11.21 -13.71 -22.03
N GLY A 692 -10.50 -12.58 -21.96
CA GLY A 692 -10.92 -11.45 -21.16
C GLY A 692 -10.87 -11.67 -19.66
N LYS A 693 -10.10 -12.65 -19.21
CA LYS A 693 -10.06 -13.03 -17.79
C LYS A 693 -8.84 -12.52 -17.05
N MET A 694 -8.02 -11.68 -17.69
CA MET A 694 -6.76 -11.25 -17.09
C MET A 694 -6.46 -9.76 -17.25
N GLY A 695 -7.46 -8.96 -17.64
CA GLY A 695 -7.26 -7.53 -17.85
C GLY A 695 -7.03 -7.18 -19.29
N ALA A 696 -6.55 -5.96 -19.54
CA ALA A 696 -6.30 -5.44 -20.89
C ALA A 696 -4.83 -5.52 -21.22
N VAL A 697 -4.48 -6.32 -22.22
CA VAL A 697 -3.08 -6.30 -22.67
C VAL A 697 -2.82 -4.95 -23.33
N ASN A 698 -1.57 -4.48 -23.22
CA ASN A 698 -1.27 -3.10 -23.60
C ASN A 698 -1.40 -2.86 -25.11
N GLY A 699 -0.91 -3.81 -25.90
CA GLY A 699 -0.94 -3.64 -27.35
C GLY A 699 -1.46 -4.83 -28.12
N MET A 700 -2.35 -4.57 -29.07
CA MET A 700 -2.82 -5.59 -29.95
C MET A 700 -2.87 -5.13 -31.40
N ARG A 701 -2.50 -6.05 -32.29
CA ARG A 701 -2.51 -5.79 -33.72
C ARG A 701 -3.95 -5.85 -34.23
N PRO A 702 -4.28 -5.12 -35.31
CA PRO A 702 -5.64 -5.19 -35.85
C PRO A 702 -6.14 -6.58 -36.27
N ASP A 703 -5.24 -7.53 -36.47
CA ASP A 703 -5.61 -8.92 -36.79
C ASP A 703 -5.97 -9.77 -35.55
N GLY A 704 -5.93 -9.17 -34.36
CA GLY A 704 -6.34 -9.86 -33.15
C GLY A 704 -5.23 -10.63 -32.44
N ILE A 705 -3.98 -10.36 -32.79
CA ILE A 705 -2.82 -11.01 -32.17
C ILE A 705 -2.05 -9.94 -31.40
N VAL A 706 -1.53 -10.32 -30.24
CA VAL A 706 -0.81 -9.37 -29.38
C VAL A 706 0.41 -8.79 -30.11
N ASP A 707 0.61 -7.48 -29.94
CA ASP A 707 1.76 -6.76 -30.51
C ASP A 707 3.02 -7.27 -29.84
N GLU A 708 3.90 -7.91 -30.62
CA GLU A 708 5.12 -8.55 -30.10
C GLU A 708 6.36 -7.68 -30.30
N SER A 709 6.17 -6.41 -30.65
CA SER A 709 7.29 -5.51 -30.85
C SER A 709 8.09 -5.19 -29.59
N ASP A 710 7.49 -5.36 -28.41
CA ASP A 710 8.21 -5.14 -27.13
C ASP A 710 7.49 -5.87 -26.04
N ILE A 711 8.23 -6.24 -25.00
CA ILE A 711 7.63 -6.88 -23.82
C ILE A 711 6.49 -6.05 -23.18
N GLN A 712 6.62 -4.74 -23.17
CA GLN A 712 5.60 -3.87 -22.56
C GLN A 712 4.25 -3.97 -23.26
N ALA A 713 4.26 -4.11 -24.59
CA ALA A 713 3.02 -4.34 -25.34
C ALA A 713 2.30 -5.65 -25.01
N GLN A 714 3.05 -6.67 -24.59
CA GLN A 714 2.55 -8.02 -24.29
C GLN A 714 2.17 -8.18 -22.82
N GLU A 715 2.28 -7.09 -22.07
CA GLU A 715 1.92 -7.10 -20.62
C GLU A 715 0.56 -6.45 -20.44
N VAL A 716 -0.17 -6.94 -19.46
CA VAL A 716 -1.25 -6.23 -18.81
C VAL A 716 -0.61 -5.39 -17.71
N TRP A 717 -0.90 -4.10 -17.66
CA TRP A 717 -0.50 -3.27 -16.53
C TRP A 717 -1.77 -3.09 -15.67
N THR A 718 -1.67 -3.59 -14.46
CA THR A 718 -2.84 -3.69 -13.58
C THR A 718 -3.49 -2.34 -13.36
N GLY A 719 -2.68 -1.29 -13.14
CA GLY A 719 -3.21 0.04 -12.92
C GLY A 719 -3.76 0.71 -14.17
N VAL A 720 -3.18 0.40 -15.32
CA VAL A 720 -3.71 0.86 -16.57
C VAL A 720 -5.10 0.23 -16.80
N THR A 721 -5.23 -1.03 -16.44
CA THR A 721 -6.48 -1.75 -16.67
C THR A 721 -7.57 -1.21 -15.76
N TYR A 722 -7.27 -0.95 -14.49
CA TYR A 722 -8.30 -0.38 -13.62
C TYR A 722 -8.69 1.02 -14.07
N ALA A 723 -7.73 1.80 -14.54
CA ALA A 723 -8.03 3.14 -15.07
C ALA A 723 -8.91 3.06 -16.32
N LEU A 724 -8.64 2.10 -17.19
CA LEU A 724 -9.45 1.88 -18.38
C LEU A 724 -10.88 1.47 -18.02
N ALA A 725 -10.99 0.66 -16.99
CA ALA A 725 -12.29 0.29 -16.48
C ALA A 725 -13.05 1.53 -15.98
N SER A 726 -12.39 2.42 -15.25
CA SER A 726 -13.08 3.65 -14.85
C SER A 726 -13.51 4.48 -16.06
N PHE A 727 -12.68 4.54 -17.10
CA PHE A 727 -13.03 5.31 -18.31
C PHE A 727 -14.28 4.70 -18.97
N MET A 728 -14.27 3.38 -19.12
CA MET A 728 -15.45 2.66 -19.64
C MET A 728 -16.69 2.94 -18.80
N LYS A 729 -16.54 2.89 -17.49
CA LYS A 729 -17.66 3.14 -16.59
C LYS A 729 -18.26 4.53 -16.80
N TYR A 730 -17.39 5.54 -16.88
CA TYR A 730 -17.84 6.93 -17.07
C TYR A 730 -18.55 7.09 -18.39
N ARG A 731 -18.13 6.32 -19.40
CA ARG A 731 -18.72 6.38 -20.74
C ARG A 731 -19.93 5.45 -20.93
N GLY A 732 -20.43 4.89 -19.83
CA GLY A 732 -21.64 4.10 -19.86
C GLY A 732 -21.48 2.67 -20.28
N MET A 733 -20.22 2.21 -20.45
CA MET A 733 -19.93 0.84 -20.84
C MET A 733 -19.80 0.04 -19.55
N THR A 734 -20.91 -0.15 -18.85
CA THR A 734 -20.87 -0.65 -17.47
C THR A 734 -20.40 -2.11 -17.41
N GLU A 735 -20.97 -2.96 -18.26
CA GLU A 735 -20.61 -4.38 -18.29
C GLU A 735 -19.13 -4.50 -18.67
N GLU A 736 -18.73 -3.77 -19.70
CA GLU A 736 -17.34 -3.85 -20.17
C GLU A 736 -16.39 -3.37 -19.07
N ALA A 737 -16.76 -2.30 -18.41
CA ALA A 737 -15.90 -1.78 -17.30
C ALA A 737 -15.63 -2.80 -16.21
N TYR A 738 -16.71 -3.36 -15.66
CA TYR A 738 -16.53 -4.37 -14.60
C TYR A 738 -15.95 -5.68 -15.09
N ASN A 739 -16.25 -6.12 -16.31
CA ASN A 739 -15.61 -7.31 -16.85
C ASN A 739 -14.09 -7.11 -17.00
N THR A 740 -13.70 -5.91 -17.41
CA THR A 740 -12.29 -5.57 -17.60
C THR A 740 -11.57 -5.59 -16.26
N ALA A 741 -12.14 -4.91 -15.29
CA ALA A 741 -11.57 -4.89 -13.94
C ALA A 741 -11.59 -6.26 -13.29
N TYR A 742 -12.62 -7.06 -13.54
CA TYR A 742 -12.72 -8.39 -12.95
C TYR A 742 -11.51 -9.26 -13.16
N GLY A 743 -10.93 -9.21 -14.35
CA GLY A 743 -9.72 -9.98 -14.63
C GLY A 743 -8.55 -9.68 -13.69
N VAL A 744 -8.43 -8.42 -13.29
CA VAL A 744 -7.37 -8.00 -12.39
C VAL A 744 -7.66 -8.51 -10.98
N TYR A 745 -8.92 -8.37 -10.56
CA TYR A 745 -9.35 -8.94 -9.28
C TYR A 745 -9.09 -10.44 -9.23
N LYS A 746 -9.44 -11.14 -10.31
CA LYS A 746 -9.37 -12.60 -10.33
C LYS A 746 -7.94 -13.06 -10.19
N MET A 747 -7.08 -12.43 -10.98
CA MET A 747 -5.66 -12.79 -10.99
C MET A 747 -5.03 -12.52 -9.63
N THR A 748 -5.46 -11.44 -9.00
CA THR A 748 -4.91 -11.04 -7.71
C THR A 748 -5.39 -11.89 -6.54
N TYR A 749 -6.70 -12.06 -6.44
CA TYR A 749 -7.35 -12.58 -5.20
C TYR A 749 -7.99 -13.96 -5.28
N ASP A 750 -8.37 -14.39 -6.48
CA ASP A 750 -9.18 -15.59 -6.63
C ASP A 750 -8.37 -16.86 -6.58
N LYS A 751 -9.01 -17.96 -6.17
CA LYS A 751 -8.36 -19.27 -6.20
C LYS A 751 -7.84 -19.69 -7.57
N SER A 752 -8.47 -19.20 -8.63
CA SER A 752 -8.04 -19.44 -10.02
C SER A 752 -6.94 -18.49 -10.52
N GLY A 753 -6.48 -17.56 -9.66
CA GLY A 753 -5.50 -16.55 -10.06
C GLY A 753 -4.10 -17.00 -9.71
N LYS A 754 -3.22 -16.03 -9.46
CA LYS A 754 -1.79 -16.32 -9.34
C LYS A 754 -1.22 -15.93 -7.97
N GLY A 755 -2.09 -15.63 -7.00
CA GLY A 755 -1.66 -15.46 -5.63
C GLY A 755 -0.91 -14.17 -5.31
N TYR A 756 -1.46 -13.06 -5.76
CA TYR A 756 -0.83 -11.75 -5.60
C TYR A 756 -1.48 -10.84 -4.55
N TRP A 757 -2.34 -11.40 -3.72
CA TRP A 757 -2.98 -10.63 -2.67
C TRP A 757 -1.99 -9.93 -1.77
N PHE A 758 -2.23 -8.65 -1.51
CA PHE A 758 -1.36 -7.81 -0.69
C PHE A 758 0.04 -7.65 -1.28
N ARG A 759 0.14 -7.85 -2.60
CA ARG A 759 1.37 -7.55 -3.33
C ARG A 759 1.10 -7.31 -4.81
N THR A 760 -0.01 -6.65 -5.14
CA THR A 760 -0.45 -6.52 -6.53
C THR A 760 0.68 -5.96 -7.39
N PRO A 761 1.03 -6.68 -8.45
CA PRO A 761 2.19 -6.24 -9.26
C PRO A 761 1.84 -5.19 -10.30
N GLU A 762 2.88 -4.55 -10.86
CA GLU A 762 2.69 -3.67 -12.02
C GLU A 762 2.04 -4.45 -13.17
N ALA A 763 2.59 -5.62 -13.48
CA ALA A 763 2.26 -6.26 -14.72
C ALA A 763 2.30 -7.76 -14.67
N TRP A 764 1.55 -8.38 -15.57
CA TRP A 764 1.74 -9.79 -15.88
C TRP A 764 1.62 -10.04 -17.36
N THR A 765 2.21 -11.15 -17.78
CA THR A 765 2.08 -11.64 -19.15
C THR A 765 0.99 -12.74 -19.23
N LYS A 766 0.74 -13.26 -20.44
CA LYS A 766 -0.37 -14.20 -20.64
C LYS A 766 -0.28 -15.49 -19.80
N ASP A 767 0.92 -15.89 -19.41
CA ASP A 767 1.12 -17.02 -18.49
C ASP A 767 0.80 -16.73 -17.02
N GLY A 768 0.48 -15.47 -16.74
CA GLY A 768 0.17 -15.07 -15.38
C GLY A 768 1.34 -14.68 -14.51
N ASN A 769 2.58 -14.85 -14.99
CA ASN A 769 3.75 -14.47 -14.22
C ASN A 769 3.95 -12.98 -14.27
N TYR A 770 4.67 -12.45 -13.30
CA TYR A 770 4.58 -11.01 -12.96
C TYR A 770 5.88 -10.24 -13.07
N ARG A 771 5.73 -8.91 -13.07
CA ARG A 771 6.83 -7.99 -12.94
C ARG A 771 6.45 -6.94 -11.91
N ALA A 772 7.28 -6.84 -10.87
CA ALA A 772 7.29 -5.80 -9.84
C ALA A 772 6.09 -5.90 -8.89
N SER A 773 6.16 -6.87 -7.98
CA SER A 773 5.12 -7.04 -6.94
C SER A 773 5.16 -5.82 -5.99
N MET A 774 4.04 -5.59 -5.31
CA MET A 774 3.91 -4.47 -4.35
C MET A 774 4.10 -3.13 -5.08
N TYR A 775 3.16 -2.83 -5.96
CA TYR A 775 3.27 -1.72 -6.87
C TYR A 775 2.22 -0.66 -6.63
N MET A 776 2.58 0.59 -6.86
CA MET A 776 1.67 1.71 -6.56
C MET A 776 0.52 1.83 -7.54
N ARG A 777 0.77 1.52 -8.80
CA ARG A 777 -0.19 1.86 -9.86
C ARG A 777 -1.63 1.31 -9.69
N PRO A 778 -1.80 0.07 -9.20
CA PRO A 778 -3.19 -0.48 -9.10
C PRO A 778 -4.08 0.19 -8.06
N LEU A 779 -3.55 1.11 -7.26
CA LEU A 779 -4.40 2.02 -6.48
C LEU A 779 -5.36 2.81 -7.38
N SER A 780 -5.08 2.83 -8.68
CA SER A 780 -5.98 3.44 -9.64
C SER A 780 -7.40 2.87 -9.64
N ILE A 781 -7.63 1.71 -9.04
CA ILE A 781 -8.99 1.19 -8.88
C ILE A 781 -9.91 2.26 -8.27
N TRP A 782 -9.37 3.10 -7.40
CA TRP A 782 -10.19 4.20 -6.81
C TRP A 782 -10.69 5.21 -7.82
N SER A 783 -10.13 5.27 -9.03
CA SER A 783 -10.73 6.09 -10.11
C SER A 783 -12.11 5.56 -10.52
N MET A 784 -12.44 4.31 -10.19
CA MET A 784 -13.79 3.79 -10.42
C MET A 784 -14.83 4.37 -9.46
N GLU A 785 -14.40 5.01 -8.39
CA GLU A 785 -15.31 5.64 -7.38
C GLU A 785 -15.52 7.15 -7.55
N VAL A 786 -14.97 7.74 -8.59
CA VAL A 786 -15.14 9.19 -8.83
C VAL A 786 -16.63 9.61 -8.96
C1 GOL B . 8.32 23.42 4.08
O1 GOL B . 8.12 21.99 4.27
C2 GOL B . 6.98 24.14 4.12
O2 GOL B . 6.28 23.66 5.25
C3 GOL B . 7.14 25.63 4.26
O3 GOL B . 7.13 25.94 5.66
C1 GOL C . 8.86 1.22 -15.00
O1 GOL C . 8.98 1.52 -13.61
C2 GOL C . 7.44 1.53 -15.51
O2 GOL C . 6.55 1.94 -14.47
C3 GOL C . 6.88 0.32 -16.24
O3 GOL C . 6.74 -0.74 -15.33
C1 GOL D . 16.21 -4.29 -4.32
O1 GOL D . 15.04 -5.12 -4.38
C2 GOL D . 16.21 -3.20 -5.39
O2 GOL D . 15.43 -2.04 -5.00
C3 GOL D . 17.63 -2.68 -5.60
O3 GOL D . 17.59 -1.42 -6.29
C1 GOL E . -17.59 -1.33 16.17
O1 GOL E . -18.65 -1.11 17.11
C2 GOL E . -17.85 -2.59 15.34
O2 GOL E . -16.93 -2.67 14.24
C3 GOL E . -17.71 -3.83 16.24
O3 GOL E . -17.85 -5.02 15.46
C1 GOL F . 9.41 14.20 23.78
O1 GOL F . 9.92 12.89 23.51
C2 GOL F . 10.47 15.20 23.49
O2 GOL F . 11.74 14.70 23.96
C3 GOL F . 10.59 15.45 22.02
O3 GOL F . 9.31 15.65 21.42
C1 GOL G . -0.70 16.42 5.37
O1 GOL G . -0.97 16.58 6.77
C2 GOL G . 0.55 17.09 4.80
O2 GOL G . 1.71 16.27 5.04
C3 GOL G . 0.84 18.46 5.41
O3 GOL G . 1.99 19.05 4.78
C1 GOL H . 7.65 30.64 -19.76
O1 GOL H . 7.79 29.30 -20.19
C2 GOL H . 7.50 30.60 -18.25
O2 GOL H . 8.39 29.57 -17.82
C3 GOL H . 6.03 30.36 -17.89
O3 GOL H . 5.78 30.30 -16.45
C1 GOL I . 11.04 -16.77 5.01
O1 GOL I . 12.19 -15.90 5.20
C2 GOL I . 10.48 -17.33 6.33
O2 GOL I . 10.98 -16.68 7.50
C3 GOL I . 8.98 -17.19 6.30
O3 GOL I . 8.26 -17.96 7.28
C1 GOL J . 5.22 23.44 0.26
O1 GOL J . 4.16 22.55 0.64
C2 GOL J . 6.53 22.69 -0.01
O2 GOL J . 6.42 21.77 -1.12
C3 GOL J . 6.98 21.96 1.26
O3 GOL J . 7.51 20.67 1.00
C1 GOL K . -12.87 11.41 9.72
O1 GOL K . -11.74 12.21 9.38
C2 GOL K . -13.02 11.23 11.24
O2 GOL K . -13.64 9.94 11.44
C3 GOL K . -11.71 11.34 12.02
O3 GOL K . -11.04 12.58 11.80
C1 GOL L . 19.09 18.89 -7.01
O1 GOL L . 20.39 19.05 -6.46
C2 GOL L . 18.68 17.43 -6.83
O2 GOL L . 17.33 17.42 -6.31
C3 GOL L . 18.89 16.64 -8.13
O3 GOL L . 19.32 15.28 -7.88
CA CA M . 4.61 17.65 -33.70
C1 EDO N . 5.43 0.98 4.97
O1 EDO N . 5.67 0.06 3.94
C2 EDO N . 6.51 1.01 5.97
O2 EDO N . 7.78 1.50 5.49
#